data_2IS3
#
_entry.id   2IS3
#
_cell.length_a   213.140
_cell.length_b   213.140
_cell.length_c   149.150
_cell.angle_alpha   90.00
_cell.angle_beta   90.00
_cell.angle_gamma   90.00
#
_symmetry.space_group_name_H-M   'I 4 2 2'
#
loop_
_entity.id
_entity.type
_entity.pdbx_description
1 polymer 'Ribonuclease T'
2 non-polymer 'SULFATE ION'
#
_entity_poly.entity_id   1
_entity_poly.type   'polypeptide(L)'
_entity_poly.pdbx_seq_one_letter_code
;(MSE)SDNAQLTGLCDRFRGFYPVVIDVETAGFNAKTDALLEIAAITLK(MSE)DEQGWL(MSE)PDTTLHFHVEPFVGA
NLQPEALAFNGIDPNDPDRGAVSEYEALHEIFKVVRKGIKASGCNRAI(MSE)VAHNANFDHSF(MSE)(MSE)AAAERA
SLKRNPFHPFATFDTAALAGLALGQTVLSKACQTAG(MSE)DFDSTQAHSALYDTERTAVLFCEIVNRWKRLGGWPLSAA
EEV
;
_entity_poly.pdbx_strand_id   A,B,C,D
#
loop_
_chem_comp.id
_chem_comp.type
_chem_comp.name
_chem_comp.formula
SO4 non-polymer 'SULFATE ION' 'O4 S -2'
#
# COMPACT_ATOMS: atom_id res chain seq x y z
N LEU A 7 18.18 19.13 17.25
CA LEU A 7 17.04 18.83 16.29
C LEU A 7 15.65 19.17 16.82
N THR A 8 15.53 20.42 17.27
CA THR A 8 14.28 21.05 17.70
C THR A 8 13.18 20.92 16.66
N GLY A 9 11.93 20.87 17.10
CA GLY A 9 10.84 20.90 16.13
C GLY A 9 10.24 19.55 15.88
N LEU A 10 8.92 19.57 15.93
CA LEU A 10 8.10 18.39 16.03
C LEU A 10 8.10 17.67 14.74
N CYS A 11 8.18 18.40 13.65
CA CYS A 11 8.12 17.73 12.39
C CYS A 11 9.40 16.93 12.11
N ASP A 12 10.38 17.03 12.99
CA ASP A 12 11.58 16.25 12.79
C ASP A 12 11.67 15.05 13.72
N ARG A 13 10.74 14.96 14.65
CA ARG A 13 10.82 13.90 15.65
C ARG A 13 10.23 12.56 15.19
N PHE A 14 9.18 12.61 14.36
CA PHE A 14 8.53 11.38 13.89
C PHE A 14 8.24 11.40 12.41
N ARG A 15 9.28 11.66 11.61
CA ARG A 15 9.19 11.73 10.14
C ARG A 15 7.90 12.36 9.66
N GLY A 16 7.66 13.62 10.04
CA GLY A 16 6.48 14.35 9.56
C GLY A 16 5.16 13.99 10.21
N PHE A 17 5.18 13.02 11.12
CA PHE A 17 3.98 12.62 11.81
C PHE A 17 3.76 13.56 12.94
N TYR A 18 2.49 13.91 13.08
CA TYR A 18 1.97 14.87 14.02
C TYR A 18 1.15 14.05 14.99
N PRO A 19 1.74 13.70 16.16
CA PRO A 19 1.08 12.84 17.11
C PRO A 19 -0.11 13.56 17.71
N VAL A 20 -1.19 12.83 17.89
CA VAL A 20 -2.38 13.38 18.49
C VAL A 20 -2.92 12.31 19.42
N VAL A 21 -3.07 12.65 20.69
CA VAL A 21 -3.48 11.66 21.68
C VAL A 21 -4.99 11.53 21.69
N ILE A 22 -5.46 10.31 21.53
CA ILE A 22 -6.88 10.10 21.37
C ILE A 22 -7.46 8.97 22.23
N ASP A 23 -8.56 9.26 22.92
CA ASP A 23 -9.32 8.19 23.56
C ASP A 23 -10.75 8.22 23.04
N VAL A 24 -11.36 7.04 22.98
CA VAL A 24 -12.71 6.89 22.50
C VAL A 24 -13.51 6.13 23.56
N GLU A 25 -14.83 6.31 23.57
CA GLU A 25 -15.71 5.48 24.40
C GLU A 25 -16.87 5.00 23.55
N THR A 26 -17.12 3.69 23.57
CA THR A 26 -18.06 3.06 22.62
C THR A 26 -19.18 2.24 23.27
N ALA A 27 -20.26 2.04 22.53
CA ALA A 27 -21.34 1.13 22.94
C ALA A 27 -20.94 -0.37 22.98
N GLY A 28 -19.97 -0.76 22.15
CA GLY A 28 -19.62 -2.17 22.01
C GLY A 28 -18.28 -2.38 21.33
N PHE A 29 -17.85 -3.62 21.20
CA PHE A 29 -16.49 -3.93 20.73
C PHE A 29 -16.32 -3.74 19.24
N ASN A 30 -17.43 -3.73 18.50
CA ASN A 30 -17.37 -3.76 17.06
C ASN A 30 -17.38 -2.39 16.43
N ALA A 31 -16.26 -2.04 15.80
CA ALA A 31 -16.06 -0.75 15.19
C ALA A 31 -17.05 -0.45 14.04
N LYS A 32 -17.41 -1.48 13.28
CA LYS A 32 -18.27 -1.26 12.14
C LYS A 32 -19.71 -1.13 12.56
N THR A 33 -20.14 -1.88 13.56
CA THR A 33 -21.56 -1.88 13.94
C THR A 33 -21.86 -1.01 15.18
N ASP A 34 -21.05 -1.11 16.22
CA ASP A 34 -21.37 -0.49 17.50
C ASP A 34 -21.06 0.99 17.54
N ALA A 35 -21.78 1.70 18.42
CA ALA A 35 -21.79 3.17 18.43
C ALA A 35 -20.64 3.83 19.16
N LEU A 36 -20.29 5.00 18.66
CA LEU A 36 -19.30 5.84 19.28
C LEU A 36 -20.01 6.73 20.30
N LEU A 37 -19.52 6.84 21.53
CA LEU A 37 -20.26 7.61 22.54
C LEU A 37 -19.57 8.84 23.03
N GLU A 38 -18.25 8.86 22.88
CA GLU A 38 -17.44 9.94 23.46
C GLU A 38 -16.03 9.91 22.90
N ILE A 39 -15.42 11.09 22.75
CA ILE A 39 -14.09 11.17 22.18
C ILE A 39 -13.30 12.34 22.75
N ALA A 40 -12.03 12.14 23.00
CA ALA A 40 -11.19 13.21 23.51
C ALA A 40 -9.88 13.21 22.76
N ALA A 41 -9.39 14.41 22.47
CA ALA A 41 -8.19 14.51 21.67
C ALA A 41 -7.29 15.59 22.24
N ILE A 42 -6.00 15.33 22.26
CA ILE A 42 -5.06 16.34 22.67
C ILE A 42 -3.94 16.37 21.66
N THR A 43 -3.73 17.51 21.02
CA THR A 43 -2.58 17.65 20.13
C THR A 43 -1.38 18.00 20.97
N LEU A 44 -0.19 17.80 20.41
CA LEU A 44 1.05 18.10 21.11
C LEU A 44 1.85 19.19 20.44
N LYS A 45 2.72 19.85 21.20
CA LYS A 45 3.60 20.87 20.66
C LYS A 45 4.97 20.77 21.30
N MSE A 46 5.97 21.36 20.67
CA MSE A 46 7.34 21.20 21.07
C MSE A 46 7.99 22.56 21.20
O MSE A 46 8.02 23.32 20.25
CB MSE A 46 8.05 20.34 20.02
CG MSE A 46 9.52 20.13 20.20
SE MSE A 46 10.02 18.36 19.46
CE MSE A 46 9.57 17.21 21.00
N ASP A 47 8.51 22.89 22.38
CA ASP A 47 9.11 24.21 22.63
C ASP A 47 10.44 24.39 21.88
N GLU A 48 11.01 25.60 21.92
CA GLU A 48 12.25 25.90 21.17
C GLU A 48 13.46 25.06 21.58
N GLN A 49 13.28 24.20 22.58
CA GLN A 49 14.36 23.35 23.10
C GLN A 49 14.20 21.88 22.70
N GLY A 50 13.09 21.55 22.05
CA GLY A 50 12.82 20.19 21.62
C GLY A 50 12.08 19.35 22.66
N TRP A 51 11.45 20.01 23.64
CA TRP A 51 10.66 19.32 24.66
C TRP A 51 9.22 19.23 24.21
N LEU A 52 8.57 18.12 24.54
CA LEU A 52 7.22 17.83 24.09
C LEU A 52 6.19 18.09 25.19
N MSE A 53 5.00 18.54 24.82
CA MSE A 53 3.95 18.85 25.78
C MSE A 53 2.58 19.00 25.13
O MSE A 53 2.48 19.30 23.95
CB MSE A 53 4.28 20.16 26.39
CG MSE A 53 4.39 21.23 25.35
SE MSE A 53 5.47 22.71 26.04
CE MSE A 53 4.27 23.42 27.50
N PRO A 54 1.51 18.80 25.92
CA PRO A 54 0.17 19.04 25.40
C PRO A 54 0.01 20.42 24.77
N ASP A 55 -0.96 20.53 23.87
CA ASP A 55 -1.27 21.80 23.23
C ASP A 55 -2.76 22.02 23.35
N THR A 56 -3.53 21.60 22.37
CA THR A 56 -4.96 21.77 22.42
C THR A 56 -5.63 20.53 22.94
N THR A 57 -6.71 20.71 23.69
CA THR A 57 -7.53 19.61 24.17
C THR A 57 -8.94 19.75 23.67
N LEU A 58 -9.50 18.72 23.06
CA LEU A 58 -10.89 18.76 22.68
C LEU A 58 -11.62 17.61 23.32
N HIS A 59 -12.93 17.76 23.46
CA HIS A 59 -13.72 16.75 24.12
C HIS A 59 -15.12 16.83 23.59
N PHE A 60 -15.74 15.67 23.38
CA PHE A 60 -17.13 15.60 22.95
C PHE A 60 -17.87 14.38 23.48
N HIS A 61 -19.15 14.55 23.74
CA HIS A 61 -20.05 13.43 23.88
C HIS A 61 -20.74 13.26 22.53
N VAL A 62 -20.73 12.02 22.04
CA VAL A 62 -21.23 11.76 20.69
C VAL A 62 -22.60 11.09 20.76
N GLU A 63 -23.43 11.30 19.75
CA GLU A 63 -24.67 10.58 19.66
C GLU A 63 -24.53 9.41 18.71
N PRO A 64 -25.21 8.31 19.02
CA PRO A 64 -25.21 7.11 18.20
C PRO A 64 -25.58 7.43 16.78
N PHE A 65 -24.83 6.92 15.82
CA PHE A 65 -25.14 7.10 14.41
C PHE A 65 -26.44 6.39 14.00
N VAL A 66 -26.82 6.49 12.72
CA VAL A 66 -28.16 6.07 12.33
C VAL A 66 -28.39 4.56 12.44
N GLY A 67 -27.73 3.77 11.60
CA GLY A 67 -27.94 2.32 11.65
C GLY A 67 -27.29 1.65 12.85
N ALA A 68 -27.15 2.37 13.95
CA ALA A 68 -26.36 1.90 15.09
C ALA A 68 -26.95 0.68 15.79
N ASN A 69 -26.08 -0.06 16.50
CA ASN A 69 -26.50 -1.18 17.37
C ASN A 69 -26.93 -0.73 18.77
N LEU A 70 -28.24 -0.75 18.97
CA LEU A 70 -28.84 -0.20 20.15
C LEU A 70 -29.59 -1.34 20.79
N GLN A 71 -28.92 -2.47 20.83
CA GLN A 71 -29.51 -3.71 21.32
C GLN A 71 -29.43 -3.77 22.84
N PRO A 72 -30.58 -4.05 23.52
CA PRO A 72 -30.65 -4.07 24.97
C PRO A 72 -29.44 -4.78 25.58
N GLU A 73 -29.26 -6.07 25.29
CA GLU A 73 -28.15 -6.89 25.79
C GLU A 73 -26.76 -6.24 25.58
N ALA A 74 -26.59 -5.60 24.42
CA ALA A 74 -25.35 -4.92 24.08
C ALA A 74 -25.15 -3.63 24.89
N LEU A 75 -26.23 -2.85 25.05
CA LEU A 75 -26.12 -1.63 25.82
C LEU A 75 -25.93 -1.97 27.29
N ALA A 76 -26.91 -2.67 27.84
CA ALA A 76 -26.87 -3.13 29.23
C ALA A 76 -25.47 -3.56 29.63
N PHE A 77 -24.83 -4.33 28.76
CA PHE A 77 -23.48 -4.82 29.00
C PHE A 77 -22.57 -3.77 29.65
N ASN A 78 -22.43 -2.59 29.07
CA ASN A 78 -21.53 -1.59 29.68
C ASN A 78 -22.23 -0.44 30.44
N GLY A 79 -23.55 -0.56 30.59
CA GLY A 79 -24.37 0.38 31.34
C GLY A 79 -24.22 1.83 30.94
N ILE A 80 -24.70 2.19 29.75
CA ILE A 80 -24.87 3.60 29.34
C ILE A 80 -26.13 3.72 28.45
N ASP A 81 -26.86 4.83 28.59
CA ASP A 81 -27.98 5.13 27.68
C ASP A 81 -27.60 6.24 26.72
N PRO A 82 -27.26 5.87 25.46
CA PRO A 82 -26.89 6.80 24.39
C PRO A 82 -27.99 7.79 23.99
N ASN A 83 -29.24 7.35 24.03
CA ASN A 83 -30.35 8.19 23.61
C ASN A 83 -30.94 8.97 24.78
N ASP A 84 -30.24 8.95 25.91
CA ASP A 84 -30.58 9.76 27.08
C ASP A 84 -30.39 11.23 26.72
N PRO A 85 -31.50 12.02 26.76
CA PRO A 85 -31.43 13.42 26.26
C PRO A 85 -30.61 14.38 27.13
N ASP A 86 -30.27 13.97 28.34
CA ASP A 86 -29.48 14.80 29.26
C ASP A 86 -27.99 14.46 29.12
N ARG A 87 -27.42 14.78 27.96
CA ARG A 87 -26.03 14.39 27.66
C ARG A 87 -25.16 15.50 27.06
N GLY A 88 -25.77 16.45 26.36
CA GLY A 88 -25.00 17.50 25.69
C GLY A 88 -24.21 16.94 24.53
N ALA A 89 -24.69 15.81 24.01
CA ALA A 89 -24.05 15.12 22.90
C ALA A 89 -24.21 15.88 21.60
N VAL A 90 -23.16 15.87 20.81
CA VAL A 90 -23.23 16.36 19.45
C VAL A 90 -23.07 15.18 18.49
N SER A 91 -23.23 15.48 17.22
CA SER A 91 -23.11 14.49 16.16
C SER A 91 -21.69 13.96 15.94
N GLU A 92 -21.63 12.72 15.46
CA GLU A 92 -20.37 12.06 15.09
C GLU A 92 -19.55 12.97 14.17
N TYR A 93 -20.22 13.48 13.15
CA TYR A 93 -19.64 14.40 12.18
C TYR A 93 -19.16 15.69 12.83
N GLU A 94 -19.95 16.25 13.74
CA GLU A 94 -19.60 17.53 14.33
C GLU A 94 -18.27 17.46 15.07
N ALA A 95 -18.12 16.42 15.87
CA ALA A 95 -16.96 16.30 16.74
C ALA A 95 -15.74 15.99 15.91
N LEU A 96 -15.87 15.01 15.02
CA LEU A 96 -14.77 14.58 14.19
C LEU A 96 -14.35 15.72 13.27
N HIS A 97 -15.34 16.44 12.74
CA HIS A 97 -15.08 17.57 11.89
C HIS A 97 -14.24 18.60 12.63
N GLU A 98 -14.62 18.88 13.87
CA GLU A 98 -13.94 19.88 14.68
C GLU A 98 -12.55 19.42 15.09
N ILE A 99 -12.44 18.17 15.52
CA ILE A 99 -11.14 17.57 15.82
C ILE A 99 -10.20 17.67 14.62
N PHE A 100 -10.62 17.09 13.49
CA PHE A 100 -9.83 17.10 12.27
C PHE A 100 -9.39 18.51 11.91
N LYS A 101 -10.30 19.46 12.11
CA LYS A 101 -10.03 20.86 11.81
C LYS A 101 -8.84 21.42 12.60
N VAL A 102 -8.80 21.13 13.91
CA VAL A 102 -7.71 21.59 14.77
C VAL A 102 -6.45 20.91 14.33
N VAL A 103 -6.50 19.58 14.26
CA VAL A 103 -5.37 18.80 13.79
C VAL A 103 -4.82 19.36 12.48
N ARG A 104 -5.70 19.59 11.51
CA ARG A 104 -5.24 20.08 10.23
C ARG A 104 -4.46 21.36 10.40
N LYS A 105 -5.02 22.31 11.16
CA LYS A 105 -4.36 23.58 11.46
C LYS A 105 -3.01 23.31 12.12
N GLY A 106 -2.99 22.36 13.05
CA GLY A 106 -1.76 21.96 13.72
C GLY A 106 -0.72 21.41 12.78
N ILE A 107 -1.12 20.51 11.90
CA ILE A 107 -0.22 19.91 10.93
C ILE A 107 0.42 20.97 10.06
N LYS A 108 -0.41 21.82 9.47
CA LYS A 108 0.06 22.87 8.58
C LYS A 108 1.09 23.72 9.28
N ALA A 109 0.74 24.24 10.46
CA ALA A 109 1.57 25.18 11.19
C ALA A 109 2.83 24.53 11.76
N SER A 110 2.77 23.23 11.98
CA SER A 110 3.89 22.55 12.57
C SER A 110 4.92 22.10 11.53
N GLY A 111 4.51 22.08 10.26
CA GLY A 111 5.39 21.58 9.20
C GLY A 111 5.35 20.07 9.01
N CYS A 112 4.45 19.41 9.74
CA CYS A 112 4.22 17.97 9.58
C CYS A 112 3.44 17.66 8.29
N ASN A 113 3.37 16.38 7.95
CA ASN A 113 2.67 15.96 6.73
C ASN A 113 1.46 15.08 6.96
N ARG A 114 1.28 14.57 8.17
CA ARG A 114 0.18 13.63 8.50
C ARG A 114 0.05 13.45 10.02
N ALA A 115 -1.14 13.10 10.47
CA ALA A 115 -1.37 12.91 11.89
C ALA A 115 -1.21 11.44 12.23
N ILE A 116 -0.76 11.15 13.44
CA ILE A 116 -0.69 9.77 13.92
C ILE A 116 -1.31 9.71 15.29
N MSE A 117 -2.14 8.72 15.52
CA MSE A 117 -2.85 8.66 16.76
C MSE A 117 -2.06 8.06 17.89
O MSE A 117 -1.44 7.01 17.70
CB MSE A 117 -4.09 7.83 16.58
CG MSE A 117 -4.87 7.77 17.85
SE MSE A 117 -6.38 6.54 17.79
CE MSE A 117 -7.42 7.41 16.33
N VAL A 118 -2.08 8.67 19.05
CA VAL A 118 -1.45 8.10 20.24
C VAL A 118 -2.50 7.66 21.23
N ALA A 119 -2.47 6.39 21.63
CA ALA A 119 -3.42 5.91 22.60
C ALA A 119 -2.84 4.72 23.34
N HIS A 120 -3.46 4.31 24.43
CA HIS A 120 -3.04 3.12 25.12
C HIS A 120 -3.79 1.98 24.51
N ASN A 121 -3.12 0.87 24.19
CA ASN A 121 -3.70 -0.17 23.31
C ASN A 121 -4.36 0.45 22.06
N ALA A 122 -3.58 1.27 21.36
CA ALA A 122 -4.08 2.31 20.44
C ALA A 122 -4.90 1.83 19.26
N ASN A 123 -4.53 0.69 18.70
CA ASN A 123 -5.13 0.20 17.46
C ASN A 123 -6.66 -0.03 17.51
N PHE A 124 -7.21 -0.21 18.69
CA PHE A 124 -8.63 -0.50 18.82
C PHE A 124 -9.47 0.77 18.75
N ASP A 125 -9.10 1.77 19.54
CA ASP A 125 -9.63 3.13 19.38
C ASP A 125 -9.44 3.67 17.99
N HIS A 126 -8.30 3.41 17.39
CA HIS A 126 -8.02 3.88 16.05
C HIS A 126 -9.07 3.38 15.06
N SER A 127 -9.42 2.11 15.16
CA SER A 127 -10.33 1.51 14.21
C SER A 127 -11.74 2.04 14.41
N PHE A 128 -12.02 2.52 15.61
CA PHE A 128 -13.33 3.09 15.90
C PHE A 128 -13.48 4.48 15.32
N MSE A 129 -12.42 5.23 15.35
CA MSE A 129 -12.48 6.59 14.91
C MSE A 129 -12.29 6.69 13.42
O MSE A 129 -12.43 7.75 12.84
CB MSE A 129 -11.41 7.37 15.63
CG MSE A 129 -11.42 8.83 15.29
SE MSE A 129 -9.61 9.50 14.84
CE MSE A 129 -9.17 8.49 13.17
N MSE A 130 -11.94 5.58 12.78
CA MSE A 130 -11.83 5.61 11.34
C MSE A 130 -13.19 5.33 10.79
O MSE A 130 -13.71 6.14 10.02
CB MSE A 130 -10.82 4.58 10.83
CG MSE A 130 -9.38 4.81 11.29
SE MSE A 130 -8.48 6.46 10.68
CE MSE A 130 -8.29 5.98 8.77
N ALA A 131 -13.77 4.22 11.19
CA ALA A 131 -15.09 3.80 10.73
C ALA A 131 -16.07 4.94 10.85
N ALA A 132 -15.92 5.73 11.91
CA ALA A 132 -16.79 6.86 12.23
C ALA A 132 -16.64 8.01 11.24
N ALA A 133 -15.40 8.37 10.91
CA ALA A 133 -15.11 9.41 9.95
C ALA A 133 -15.58 9.01 8.56
N GLU A 134 -15.55 7.70 8.28
CA GLU A 134 -16.10 7.18 7.04
C GLU A 134 -17.59 7.45 7.00
N ARG A 135 -18.32 6.96 8.00
CA ARG A 135 -19.75 7.27 8.15
C ARG A 135 -20.03 8.77 8.06
N ALA A 136 -19.20 9.58 8.69
CA ALA A 136 -19.38 11.03 8.70
C ALA A 136 -19.18 11.63 7.33
N SER A 137 -18.56 10.87 6.44
CA SER A 137 -18.17 11.34 5.11
C SER A 137 -17.04 12.37 5.12
N LEU A 138 -16.22 12.32 6.17
CA LEU A 138 -15.09 13.23 6.27
C LEU A 138 -14.04 12.71 5.33
N LYS A 139 -14.02 13.22 4.12
CA LYS A 139 -13.09 12.72 3.13
C LYS A 139 -11.64 13.18 3.35
N ARG A 140 -11.43 14.20 4.16
CA ARG A 140 -10.07 14.70 4.36
C ARG A 140 -9.47 14.30 5.69
N ASN A 141 -9.71 13.06 6.09
CA ASN A 141 -9.24 12.57 7.38
C ASN A 141 -7.72 12.60 7.45
N PRO A 142 -7.15 13.46 8.30
CA PRO A 142 -5.71 13.63 8.28
C PRO A 142 -4.90 12.51 8.95
N PHE A 143 -5.54 11.59 9.67
CA PHE A 143 -4.83 10.52 10.38
C PHE A 143 -4.37 9.41 9.48
N HIS A 144 -3.11 9.02 9.67
CA HIS A 144 -2.53 7.86 8.99
C HIS A 144 -3.50 6.70 9.09
N PRO A 145 -3.60 5.91 8.01
CA PRO A 145 -4.66 4.91 8.07
C PRO A 145 -4.27 3.64 8.82
N PHE A 146 -2.99 3.40 9.08
CA PHE A 146 -2.62 2.25 9.90
C PHE A 146 -1.57 2.45 11.01
N ALA A 147 -0.78 3.53 10.97
CA ALA A 147 0.25 3.72 11.98
C ALA A 147 -0.38 4.22 13.28
N THR A 148 0.12 3.77 14.43
CA THR A 148 -0.27 4.36 15.71
C THR A 148 0.83 4.27 16.74
N PHE A 149 1.03 5.33 17.52
CA PHE A 149 1.89 5.18 18.66
C PHE A 149 1.10 4.59 19.80
N ASP A 150 1.37 3.34 20.12
CA ASP A 150 0.74 2.73 21.27
C ASP A 150 1.54 2.85 22.58
N THR A 151 1.09 3.75 23.43
CA THR A 151 1.78 3.97 24.67
C THR A 151 1.95 2.70 25.53
N ALA A 152 1.17 1.65 25.32
CA ALA A 152 1.41 0.42 26.08
C ALA A 152 2.81 -0.13 25.79
N ALA A 153 3.18 -0.23 24.52
CA ALA A 153 4.50 -0.73 24.16
C ALA A 153 5.57 0.28 24.54
N LEU A 154 5.32 1.55 24.25
CA LEU A 154 6.29 2.60 24.58
C LEU A 154 6.64 2.54 26.06
N ALA A 155 5.62 2.52 26.91
CA ALA A 155 5.81 2.44 28.35
C ALA A 155 6.50 1.14 28.77
N GLY A 156 6.33 0.08 27.99
CA GLY A 156 6.97 -1.21 28.28
C GLY A 156 8.46 -1.12 28.04
N LEU A 157 8.80 -0.39 26.98
CA LEU A 157 10.18 -0.11 26.71
C LEU A 157 10.70 0.88 27.72
N ALA A 158 9.98 1.99 27.90
CA ALA A 158 10.45 3.13 28.66
C ALA A 158 10.59 2.85 30.12
N LEU A 159 9.62 2.13 30.69
CA LEU A 159 9.51 1.97 32.16
C LEU A 159 9.26 0.56 32.64
N GLY A 160 9.18 -0.42 31.73
CA GLY A 160 8.84 -1.80 32.12
C GLY A 160 7.39 -2.01 32.59
N GLN A 161 6.52 -1.07 32.28
CA GLN A 161 5.16 -1.14 32.71
C GLN A 161 4.30 -1.11 31.49
N THR A 162 3.20 -1.84 31.49
CA THR A 162 2.37 -1.97 30.29
C THR A 162 0.98 -1.39 30.56
N VAL A 163 0.57 -1.43 31.83
CA VAL A 163 -0.71 -0.93 32.28
C VAL A 163 -0.67 0.59 32.51
N LEU A 164 -1.57 1.31 31.86
CA LEU A 164 -1.61 2.77 31.93
C LEU A 164 -1.46 3.33 33.35
N SER A 165 -2.25 2.87 34.30
CA SER A 165 -2.09 3.39 35.66
C SER A 165 -0.67 3.21 36.12
N LYS A 166 -0.21 1.96 36.10
CA LYS A 166 1.11 1.61 36.60
C LYS A 166 2.22 2.32 35.86
N ALA A 167 2.03 2.56 34.57
CA ALA A 167 3.02 3.28 33.79
C ALA A 167 3.12 4.70 34.29
N CYS A 168 1.98 5.34 34.50
CA CYS A 168 1.96 6.70 35.03
C CYS A 168 2.64 6.77 36.37
N GLN A 169 2.21 5.92 37.29
CA GLN A 169 2.80 5.92 38.61
C GLN A 169 4.30 5.77 38.55
N THR A 170 4.79 4.80 37.80
CA THR A 170 6.23 4.59 37.69
C THR A 170 6.96 5.77 37.08
N ALA A 171 6.37 6.35 36.02
CA ALA A 171 6.92 7.54 35.35
C ALA A 171 7.12 8.75 36.28
N GLY A 172 6.63 8.63 37.50
CA GLY A 172 6.76 9.67 38.51
C GLY A 172 5.53 10.53 38.66
N MSE A 173 4.61 10.46 37.71
CA MSE A 173 3.41 11.25 37.80
C MSE A 173 2.35 10.50 38.62
O MSE A 173 2.51 9.32 38.89
CB MSE A 173 2.92 11.58 36.41
CG MSE A 173 2.45 10.39 35.66
SE MSE A 173 2.23 10.73 33.75
CE MSE A 173 4.13 10.93 33.25
N ASP A 174 1.29 11.19 39.02
CA ASP A 174 0.25 10.54 39.80
C ASP A 174 -0.95 10.23 38.94
N PHE A 175 -1.77 9.27 39.39
CA PHE A 175 -2.88 8.73 38.62
C PHE A 175 -4.04 8.36 39.52
N ASP A 176 -5.21 8.93 39.26
CA ASP A 176 -6.35 8.75 40.13
C ASP A 176 -7.27 7.63 39.64
N SER A 177 -7.09 6.46 40.24
CA SER A 177 -7.85 5.27 39.87
C SER A 177 -9.39 5.45 39.95
N THR A 178 -9.86 6.41 40.75
CA THR A 178 -11.30 6.71 40.81
C THR A 178 -11.80 7.29 39.49
N GLN A 179 -11.14 8.37 39.02
CA GLN A 179 -11.46 9.04 37.74
C GLN A 179 -11.23 8.15 36.50
N ALA A 180 -10.36 7.14 36.69
CA ALA A 180 -9.97 6.10 35.71
C ALA A 180 -10.58 6.16 34.31
N HIS A 181 -11.56 5.29 34.02
CA HIS A 181 -12.06 5.08 32.64
C HIS A 181 -13.10 6.14 32.15
N SER A 182 -13.00 7.35 32.70
CA SER A 182 -13.50 8.57 32.06
C SER A 182 -12.54 9.08 30.94
N ALA A 183 -13.08 9.23 29.74
CA ALA A 183 -12.26 9.50 28.55
C ALA A 183 -11.30 10.67 28.65
N LEU A 184 -11.76 11.82 29.15
CA LEU A 184 -10.90 12.98 29.15
C LEU A 184 -9.71 12.68 30.02
N TYR A 185 -9.97 12.30 31.27
CA TYR A 185 -8.88 12.04 32.18
C TYR A 185 -7.84 11.12 31.52
N ASP A 186 -8.26 9.95 31.07
CA ASP A 186 -7.37 9.03 30.36
C ASP A 186 -6.49 9.73 29.34
N THR A 187 -7.14 10.22 28.29
CA THR A 187 -6.48 10.98 27.26
C THR A 187 -5.41 11.89 27.84
N GLU A 188 -5.82 12.72 28.80
CA GLU A 188 -4.94 13.67 29.47
C GLU A 188 -3.73 13.00 30.15
N ARG A 189 -3.97 11.98 30.97
CA ARG A 189 -2.88 11.22 31.57
C ARG A 189 -1.95 10.71 30.47
N THR A 190 -2.51 9.94 29.54
CA THR A 190 -1.76 9.38 28.41
C THR A 190 -0.84 10.41 27.77
N ALA A 191 -1.38 11.58 27.45
CA ALA A 191 -0.60 12.59 26.78
C ALA A 191 0.64 12.92 27.60
N VAL A 192 0.42 13.17 28.88
CA VAL A 192 1.50 13.47 29.79
C VAL A 192 2.46 12.29 29.85
N LEU A 193 1.93 11.08 30.02
CA LEU A 193 2.77 9.90 29.99
C LEU A 193 3.55 9.82 28.68
N PHE A 194 2.86 10.02 27.55
CA PHE A 194 3.55 9.97 26.27
C PHE A 194 4.64 11.01 26.16
N CYS A 195 4.37 12.22 26.63
CA CYS A 195 5.38 13.26 26.60
C CYS A 195 6.56 12.89 27.48
N GLU A 196 6.29 12.56 28.73
CA GLU A 196 7.38 12.15 29.62
C GLU A 196 8.28 11.14 28.94
N ILE A 197 7.71 10.20 28.23
CA ILE A 197 8.51 9.15 27.68
C ILE A 197 9.40 9.70 26.60
N VAL A 198 8.85 10.51 25.73
CA VAL A 198 9.61 11.12 24.65
C VAL A 198 10.73 12.01 25.22
N ASN A 199 10.35 12.95 26.10
CA ASN A 199 11.32 13.79 26.78
C ASN A 199 12.41 13.00 27.53
N ARG A 200 11.99 12.05 28.36
CA ARG A 200 12.91 11.22 29.11
C ARG A 200 13.89 10.59 28.15
N TRP A 201 13.43 10.29 26.93
CA TRP A 201 14.34 9.72 25.96
C TRP A 201 15.38 10.76 25.51
N LYS A 202 14.94 11.97 25.25
CA LYS A 202 15.85 13.07 24.99
C LYS A 202 16.76 13.27 26.20
N ARG A 203 16.18 13.39 27.38
CA ARG A 203 16.97 13.64 28.60
C ARG A 203 18.14 12.68 28.75
N LEU A 204 17.93 11.41 28.45
CA LEU A 204 18.97 10.45 28.65
C LEU A 204 19.89 10.40 27.46
N GLY A 205 19.81 11.43 26.64
CA GLY A 205 20.63 11.55 25.44
C GLY A 205 20.33 10.47 24.41
N GLY A 206 19.05 10.26 24.09
CA GLY A 206 18.73 9.31 23.05
C GLY A 206 18.49 10.13 21.81
N TRP A 207 18.07 11.36 22.01
CA TRP A 207 17.75 12.19 20.88
C TRP A 207 18.47 13.53 21.06
N PRO A 208 19.14 14.02 20.00
CA PRO A 208 19.19 13.43 18.67
C PRO A 208 20.22 12.29 18.55
N LEU A 209 20.50 11.85 17.33
CA LEU A 209 21.40 10.74 17.07
C LEU A 209 22.73 11.26 16.51
N LEU B 7 18.87 -5.70 37.89
CA LEU B 7 17.77 -6.63 37.43
C LEU B 7 18.00 -7.11 36.01
N THR B 8 18.20 -8.42 35.86
CA THR B 8 18.78 -9.00 34.65
C THR B 8 18.03 -10.23 34.08
N GLY B 9 16.91 -10.07 33.43
CA GLY B 9 16.26 -11.30 33.00
C GLY B 9 14.86 -11.04 32.57
N LEU B 10 14.48 -11.63 31.46
CA LEU B 10 13.24 -11.32 30.82
C LEU B 10 12.08 -11.11 31.78
N CYS B 11 11.99 -11.94 32.79
CA CYS B 11 10.86 -11.79 33.64
C CYS B 11 10.94 -10.51 34.46
N ASP B 12 12.08 -9.86 34.44
CA ASP B 12 12.19 -8.57 35.11
C ASP B 12 11.90 -7.42 34.17
N ARG B 13 12.22 -7.60 32.90
CA ARG B 13 12.21 -6.48 31.97
C ARG B 13 10.84 -6.02 31.56
N PHE B 14 9.91 -6.95 31.41
CA PHE B 14 8.62 -6.62 30.81
C PHE B 14 7.49 -7.11 31.65
N ARG B 15 7.62 -6.92 32.97
CA ARG B 15 6.61 -7.34 33.90
C ARG B 15 6.22 -8.81 33.72
N GLY B 16 7.12 -9.63 33.17
CA GLY B 16 6.88 -11.05 33.14
C GLY B 16 6.39 -11.54 31.80
N PHE B 17 6.23 -10.63 30.85
CA PHE B 17 5.91 -11.00 29.49
C PHE B 17 7.17 -11.55 28.86
N TYR B 18 6.99 -12.51 27.99
CA TYR B 18 8.05 -13.15 27.25
C TYR B 18 7.88 -12.72 25.79
N PRO B 19 8.73 -11.79 25.30
CA PRO B 19 8.49 -11.28 23.95
C PRO B 19 8.92 -12.26 22.86
N VAL B 20 8.07 -12.45 21.85
CA VAL B 20 8.34 -13.37 20.74
C VAL B 20 8.12 -12.62 19.43
N VAL B 21 9.18 -12.42 18.67
CA VAL B 21 9.07 -11.61 17.47
C VAL B 21 8.46 -12.48 16.41
N ILE B 22 7.48 -11.95 15.68
CA ILE B 22 6.74 -12.77 14.73
C ILE B 22 6.43 -12.04 13.44
N ASP B 23 6.57 -12.69 12.30
CA ASP B 23 6.07 -12.10 11.07
C ASP B 23 5.27 -13.13 10.31
N VAL B 24 4.21 -12.66 9.69
CA VAL B 24 3.44 -13.47 8.76
C VAL B 24 3.50 -12.79 7.39
N GLU B 25 3.52 -13.59 6.32
CA GLU B 25 3.52 -13.05 4.96
C GLU B 25 2.67 -13.91 4.07
N THR B 26 2.19 -13.32 2.98
CA THR B 26 1.37 -14.05 2.01
C THR B 26 1.80 -13.67 0.61
N LEU B 37 1.39 -18.52 1.90
CA LEU B 37 1.32 -18.26 3.35
C LEU B 37 2.54 -18.77 4.12
N GLU B 38 3.20 -17.87 4.85
CA GLU B 38 4.50 -18.11 5.45
C GLU B 38 4.63 -17.42 6.79
N ILE B 39 5.24 -18.08 7.78
CA ILE B 39 5.31 -17.51 9.12
C ILE B 39 6.61 -17.84 9.81
N ALA B 40 7.16 -16.83 10.48
CA ALA B 40 8.42 -16.97 11.13
C ALA B 40 8.32 -16.41 12.55
N ALA B 41 9.01 -17.02 13.51
CA ALA B 41 8.98 -16.59 14.92
C ALA B 41 10.36 -16.67 15.52
N ILE B 42 10.80 -15.65 16.24
CA ILE B 42 12.07 -15.72 16.95
C ILE B 42 11.84 -15.38 18.41
N THR B 43 12.29 -16.25 19.30
CA THR B 43 12.23 -15.93 20.72
C THR B 43 13.51 -15.27 21.15
N LEU B 44 13.44 -14.54 22.27
CA LEU B 44 14.57 -13.79 22.81
C LEU B 44 15.03 -14.37 24.13
N LYS B 45 16.24 -13.97 24.53
CA LYS B 45 16.83 -14.40 25.78
C LYS B 45 17.73 -13.28 26.24
N MSE B 46 18.18 -13.34 27.48
CA MSE B 46 19.09 -12.34 28.00
C MSE B 46 20.35 -12.93 28.58
O MSE B 46 20.29 -13.90 29.31
CB MSE B 46 18.38 -11.53 29.04
CG MSE B 46 17.72 -10.37 28.41
SE MSE B 46 17.08 -9.08 29.74
CE MSE B 46 16.82 -7.49 28.55
N ASP B 47 21.50 -12.32 28.29
CA ASP B 47 22.76 -12.85 28.84
C ASP B 47 22.92 -12.50 30.31
N GLU B 48 23.93 -13.09 30.96
CA GLU B 48 24.22 -12.85 32.37
C GLU B 48 24.03 -11.41 32.82
N GLN B 49 24.42 -10.48 31.95
CA GLN B 49 24.41 -9.06 32.27
C GLN B 49 23.21 -8.30 31.74
N GLY B 50 22.26 -8.99 31.11
CA GLY B 50 20.96 -8.40 30.78
C GLY B 50 20.89 -7.69 29.44
N TRP B 51 21.60 -8.22 28.45
CA TRP B 51 21.42 -7.71 27.11
C TRP B 51 20.51 -8.65 26.37
N LEU B 52 19.62 -8.09 25.55
CA LEU B 52 18.67 -8.86 24.79
C LEU B 52 19.29 -9.37 23.49
N MSE B 53 18.92 -10.57 23.08
CA MSE B 53 19.33 -11.09 21.79
C MSE B 53 18.45 -12.25 21.40
O MSE B 53 17.81 -12.84 22.27
CB MSE B 53 20.72 -11.63 21.88
CG MSE B 53 20.79 -12.70 22.89
SE MSE B 53 22.59 -12.81 23.63
CE MSE B 53 23.04 -10.87 23.94
N PRO B 54 18.42 -12.58 20.09
CA PRO B 54 17.68 -13.72 19.61
C PRO B 54 18.01 -14.99 20.36
N ASP B 55 16.99 -15.75 20.73
CA ASP B 55 17.19 -17.07 21.27
C ASP B 55 16.94 -18.07 20.17
N THR B 56 15.68 -18.40 19.88
CA THR B 56 15.37 -19.45 18.89
C THR B 56 14.66 -18.95 17.65
N THR B 57 15.11 -19.37 16.45
CA THR B 57 14.37 -19.02 15.23
C THR B 57 13.51 -20.17 14.76
N LEU B 58 12.30 -19.89 14.32
CA LEU B 58 11.45 -20.89 13.71
C LEU B 58 10.85 -20.33 12.45
N HIS B 59 10.72 -21.15 11.42
CA HIS B 59 10.26 -20.64 10.15
C HIS B 59 9.42 -21.69 9.49
N PHE B 60 8.25 -21.36 8.95
CA PHE B 60 7.42 -22.38 8.30
C PHE B 60 6.74 -21.88 7.07
N HIS B 61 6.57 -22.75 6.08
CA HIS B 61 5.67 -22.46 4.96
C HIS B 61 4.36 -23.19 5.19
N VAL B 62 3.23 -22.49 5.19
CA VAL B 62 1.96 -23.12 5.59
C VAL B 62 0.85 -23.11 4.54
N GLU B 63 0.19 -24.26 4.36
CA GLU B 63 -0.94 -24.40 3.41
C GLU B 63 -2.27 -23.89 3.98
N PRO B 64 -2.86 -22.83 3.35
CA PRO B 64 -4.17 -22.38 3.80
C PRO B 64 -5.28 -22.95 2.90
N GLY B 88 8.38 -27.88 0.88
CA GLY B 88 7.74 -28.67 1.92
C GLY B 88 7.05 -27.81 2.97
N ALA B 89 5.74 -27.60 2.75
CA ALA B 89 4.87 -26.76 3.58
C ALA B 89 4.14 -27.56 4.64
N VAL B 90 4.26 -27.15 5.90
CA VAL B 90 3.51 -27.77 7.02
C VAL B 90 2.06 -27.26 7.14
N SER B 91 1.29 -27.90 8.01
CA SER B 91 -0.08 -27.46 8.24
C SER B 91 -0.09 -26.27 9.17
N GLU B 92 -1.18 -25.51 9.13
CA GLU B 92 -1.38 -24.37 10.02
C GLU B 92 -1.30 -24.84 11.47
N TYR B 93 -1.93 -25.97 11.79
CA TYR B 93 -1.76 -26.57 13.12
C TYR B 93 -0.32 -26.84 13.53
N GLU B 94 0.43 -27.52 12.68
CA GLU B 94 1.80 -27.82 13.01
C GLU B 94 2.58 -26.55 13.32
N ALA B 95 2.56 -25.61 12.38
CA ALA B 95 3.35 -24.40 12.55
C ALA B 95 3.06 -23.82 13.92
N LEU B 96 1.79 -23.58 14.20
CA LEU B 96 1.46 -22.92 15.44
C LEU B 96 1.83 -23.78 16.60
N HIS B 97 1.43 -25.04 16.58
CA HIS B 97 1.74 -25.94 17.68
C HIS B 97 3.24 -25.96 18.01
N GLU B 98 4.09 -26.02 16.99
CA GLU B 98 5.53 -26.04 17.17
C GLU B 98 6.04 -24.74 17.76
N ILE B 99 5.57 -23.60 17.24
CA ILE B 99 5.99 -22.29 17.78
C ILE B 99 5.60 -22.23 19.23
N PHE B 100 4.31 -22.36 19.50
CA PHE B 100 3.79 -22.41 20.85
C PHE B 100 4.62 -23.32 21.73
N LYS B 101 4.96 -24.51 21.24
CA LYS B 101 5.73 -25.46 22.03
C LYS B 101 7.04 -24.85 22.49
N VAL B 102 7.69 -24.10 21.60
CA VAL B 102 8.96 -23.48 21.90
C VAL B 102 8.79 -22.33 22.89
N VAL B 103 7.81 -21.49 22.62
CA VAL B 103 7.49 -20.36 23.45
C VAL B 103 7.12 -20.86 24.85
N ARG B 104 6.22 -21.81 24.90
CA ARG B 104 5.82 -22.40 26.15
C ARG B 104 7.05 -22.82 26.96
N LYS B 105 8.01 -23.46 26.30
CA LYS B 105 9.20 -23.96 26.97
C LYS B 105 10.07 -22.82 27.49
N GLY B 106 10.40 -21.88 26.60
CA GLY B 106 11.14 -20.67 26.95
C GLY B 106 10.56 -19.83 28.09
N ILE B 107 9.24 -19.69 28.13
CA ILE B 107 8.60 -18.99 29.23
C ILE B 107 8.97 -19.69 30.53
N LYS B 108 8.69 -21.00 30.59
CA LYS B 108 8.88 -21.78 31.79
C LYS B 108 10.32 -21.70 32.22
N ALA B 109 11.23 -21.73 31.26
CA ALA B 109 12.65 -21.64 31.57
C ALA B 109 13.05 -20.27 32.11
N SER B 110 12.37 -19.21 31.72
CA SER B 110 12.82 -17.89 32.08
C SER B 110 11.95 -17.23 33.13
N GLY B 111 11.09 -18.01 33.78
CA GLY B 111 10.25 -17.49 34.85
C GLY B 111 9.33 -16.35 34.43
N CYS B 112 8.97 -16.31 33.16
CA CYS B 112 7.98 -15.36 32.71
C CYS B 112 6.60 -15.95 32.91
N ASN B 113 5.57 -15.15 32.65
CA ASN B 113 4.22 -15.63 32.86
C ASN B 113 3.36 -15.69 31.59
N ARG B 114 3.52 -14.77 30.64
CA ARG B 114 2.83 -14.91 29.36
C ARG B 114 3.69 -14.46 28.22
N ALA B 115 3.44 -14.98 27.02
CA ALA B 115 4.11 -14.51 25.82
C ALA B 115 3.48 -13.20 25.30
N ILE B 116 4.31 -12.27 24.82
CA ILE B 116 3.80 -11.10 24.12
C ILE B 116 4.41 -11.01 22.74
N MSE B 117 3.64 -10.56 21.77
CA MSE B 117 4.10 -10.63 20.41
C MSE B 117 4.71 -9.34 19.99
O MSE B 117 4.07 -8.29 20.04
CB MSE B 117 2.96 -10.97 19.50
CG MSE B 117 3.43 -11.56 18.22
SE MSE B 117 2.05 -11.38 16.83
CE MSE B 117 2.26 -9.45 16.55
N VAL B 118 5.97 -9.42 19.58
CA VAL B 118 6.68 -8.29 19.04
C VAL B 118 6.53 -8.34 17.54
N ALA B 119 6.05 -7.27 16.91
CA ALA B 119 5.89 -7.22 15.46
C ALA B 119 5.86 -5.81 14.92
N HIS B 120 6.06 -5.66 13.63
CA HIS B 120 6.04 -4.34 13.02
C HIS B 120 4.65 -4.08 12.51
N ASN B 121 4.00 -3.04 13.02
CA ASN B 121 2.54 -2.88 12.86
C ASN B 121 1.85 -4.14 13.35
N ALA B 122 2.19 -4.44 14.60
CA ALA B 122 1.93 -5.73 15.20
C ALA B 122 0.49 -6.23 15.15
N ASN B 123 -0.49 -5.33 15.24
CA ASN B 123 -1.88 -5.76 15.34
C ASN B 123 -2.36 -6.58 14.13
N PHE B 124 -1.78 -6.28 12.97
CA PHE B 124 -2.02 -7.04 11.74
C PHE B 124 -1.68 -8.52 11.89
N ASP B 125 -0.41 -8.77 12.19
CA ASP B 125 0.08 -10.11 12.46
C ASP B 125 -0.57 -10.78 13.67
N HIS B 126 -0.63 -10.08 14.79
CA HIS B 126 -1.29 -10.57 15.98
C HIS B 126 -2.73 -11.02 15.71
N SER B 127 -3.48 -10.28 14.90
CA SER B 127 -4.83 -10.72 14.57
C SER B 127 -4.82 -12.05 13.89
N PHE B 128 -4.04 -12.15 12.81
CA PHE B 128 -4.00 -13.35 12.02
C PHE B 128 -3.73 -14.53 12.92
N MSE B 129 -2.67 -14.42 13.68
CA MSE B 129 -2.23 -15.43 14.61
C MSE B 129 -3.26 -16.04 15.48
O MSE B 129 -3.30 -17.26 15.64
CB MSE B 129 -1.25 -14.79 15.55
CG MSE B 129 0.04 -14.54 14.87
SE MSE B 129 0.70 -16.32 14.45
CE MSE B 129 0.98 -16.82 16.39
N MSE B 130 -4.06 -15.20 16.10
CA MSE B 130 -5.01 -15.63 17.08
C MSE B 130 -6.16 -16.33 16.42
O MSE B 130 -6.69 -17.30 16.97
CB MSE B 130 -5.53 -14.41 17.82
CG MSE B 130 -4.42 -13.61 18.48
SE MSE B 130 -3.51 -14.66 19.88
CE MSE B 130 -5.11 -14.90 21.06
N ALA B 131 -6.54 -15.83 15.25
CA ALA B 131 -7.50 -16.47 14.36
C ALA B 131 -7.02 -17.89 14.07
N ALA B 132 -5.82 -17.98 13.51
CA ALA B 132 -5.20 -19.25 13.18
C ALA B 132 -5.22 -20.20 14.35
N ALA B 133 -4.75 -19.71 15.50
CA ALA B 133 -4.69 -20.55 16.69
C ALA B 133 -6.05 -21.16 16.98
N GLU B 134 -7.08 -20.33 16.91
CA GLU B 134 -8.45 -20.73 17.16
C GLU B 134 -8.92 -21.70 16.12
N ARG B 135 -8.88 -21.27 14.86
CA ARG B 135 -9.21 -22.07 13.70
C ARG B 135 -8.54 -23.44 13.72
N ALA B 136 -7.32 -23.54 14.23
CA ALA B 136 -6.63 -24.83 14.25
C ALA B 136 -6.81 -25.53 15.58
N SER B 137 -7.82 -25.10 16.33
CA SER B 137 -8.17 -25.66 17.65
C SER B 137 -6.95 -25.95 18.51
N LEU B 138 -6.28 -24.90 18.98
CA LEU B 138 -5.09 -25.07 19.78
C LEU B 138 -5.38 -24.91 21.26
N LYS B 139 -5.15 -25.96 22.03
CA LYS B 139 -5.38 -25.94 23.49
C LYS B 139 -4.71 -24.83 24.33
N ARG B 140 -3.38 -24.77 24.39
CA ARG B 140 -2.73 -23.88 25.35
C ARG B 140 -1.97 -22.70 24.73
N ASN B 141 -2.67 -21.72 24.17
CA ASN B 141 -2.03 -20.56 23.58
C ASN B 141 -1.35 -19.65 24.60
N PRO B 142 -0.01 -19.51 24.54
CA PRO B 142 0.78 -18.73 25.48
C PRO B 142 0.71 -17.23 25.28
N PHE B 143 0.35 -16.81 24.06
CA PHE B 143 0.28 -15.39 23.73
C PHE B 143 -0.81 -14.60 24.42
N HIS B 144 -0.49 -13.38 24.83
CA HIS B 144 -1.50 -12.48 25.33
C HIS B 144 -2.52 -12.20 24.23
N PRO B 145 -3.81 -12.17 24.56
CA PRO B 145 -4.92 -12.05 23.62
C PRO B 145 -5.13 -10.72 22.89
N PHE B 146 -4.41 -9.65 23.27
CA PHE B 146 -4.56 -8.36 22.60
C PHE B 146 -3.42 -7.37 22.82
N ALA B 147 -2.55 -7.65 23.78
CA ALA B 147 -1.38 -6.83 23.98
C ALA B 147 -0.30 -7.20 22.98
N THR B 148 0.40 -6.19 22.48
CA THR B 148 1.52 -6.45 21.57
C THR B 148 2.58 -5.33 21.63
N PHE B 149 3.86 -5.70 21.56
CA PHE B 149 4.90 -4.68 21.35
C PHE B 149 5.05 -4.33 19.86
N ASP B 150 4.54 -3.20 19.43
CA ASP B 150 4.68 -2.81 18.03
C ASP B 150 5.99 -2.08 17.72
N THR B 151 6.87 -2.69 16.94
CA THR B 151 8.15 -2.01 16.63
C THR B 151 8.05 -0.71 15.79
N ALA B 152 7.00 -0.55 15.00
CA ALA B 152 6.77 0.72 14.32
C ALA B 152 6.79 1.90 15.33
N ALA B 153 6.03 1.76 16.42
CA ALA B 153 6.06 2.75 17.49
C ALA B 153 7.41 2.79 18.25
N LEU B 154 7.92 1.63 18.69
CA LEU B 154 9.19 1.69 19.40
C LEU B 154 10.27 2.37 18.57
N ALA B 155 10.34 2.04 17.29
CA ALA B 155 11.25 2.70 16.36
C ALA B 155 11.00 4.19 16.32
N GLY B 156 9.72 4.55 16.31
CA GLY B 156 9.32 5.97 16.27
C GLY B 156 10.01 6.79 17.33
N LEU B 157 9.82 6.33 18.56
CA LEU B 157 10.46 6.88 19.74
C LEU B 157 11.98 6.81 19.64
N ALA B 158 12.52 5.61 19.44
CA ALA B 158 13.95 5.39 19.60
C ALA B 158 14.78 5.93 18.46
N LEU B 159 14.19 6.19 17.31
CA LEU B 159 14.97 6.53 16.12
C LEU B 159 14.23 7.53 15.22
N GLY B 160 13.00 7.90 15.61
CA GLY B 160 12.21 8.90 14.89
C GLY B 160 11.88 8.49 13.48
N GLN B 161 11.92 7.18 13.23
CA GLN B 161 11.51 6.57 11.97
C GLN B 161 10.51 5.45 12.23
N THR B 162 9.59 5.28 11.30
CA THR B 162 8.47 4.41 11.50
C THR B 162 8.55 3.16 10.64
N VAL B 163 8.97 3.34 9.38
CA VAL B 163 9.12 2.25 8.43
C VAL B 163 10.25 1.33 8.87
N LEU B 164 10.03 0.03 8.79
CA LEU B 164 11.04 -0.93 9.23
C LEU B 164 12.41 -0.72 8.56
N SER B 165 12.42 -0.59 7.25
CA SER B 165 13.66 -0.45 6.52
C SER B 165 14.40 0.76 7.04
N LYS B 166 13.73 1.91 7.05
CA LYS B 166 14.36 3.12 7.55
C LYS B 166 14.84 2.96 9.00
N ALA B 167 14.03 2.31 9.82
CA ALA B 167 14.36 2.20 11.23
C ALA B 167 15.62 1.42 11.35
N CYS B 168 15.78 0.40 10.51
CA CYS B 168 16.92 -0.48 10.65
C CYS B 168 18.18 0.21 10.29
N GLN B 169 18.11 1.03 9.24
CA GLN B 169 19.29 1.68 8.73
C GLN B 169 19.71 2.79 9.64
N THR B 170 18.74 3.45 10.25
CA THR B 170 19.04 4.51 11.17
C THR B 170 19.79 3.93 12.34
N ALA B 171 19.31 2.81 12.85
CA ALA B 171 20.02 2.00 13.85
C ALA B 171 21.36 1.45 13.33
N GLY B 172 21.70 1.76 12.08
CA GLY B 172 22.94 1.32 11.47
C GLY B 172 23.00 -0.17 11.19
N MSE B 173 21.87 -0.83 11.13
CA MSE B 173 21.85 -2.23 10.74
C MSE B 173 21.80 -2.26 9.24
O MSE B 173 21.42 -1.27 8.63
CB MSE B 173 20.59 -2.87 11.26
CG MSE B 173 20.51 -2.99 12.75
SE MSE B 173 18.67 -3.53 13.25
CE MSE B 173 18.39 -5.07 12.02
N ASP B 174 22.18 -3.40 8.64
CA ASP B 174 21.94 -3.68 7.22
C ASP B 174 20.46 -3.90 6.86
N PHE B 175 19.99 -3.36 5.73
CA PHE B 175 18.63 -3.69 5.26
C PHE B 175 18.44 -3.72 3.75
N ASP B 176 18.10 -4.89 3.23
CA ASP B 176 17.90 -5.09 1.79
C ASP B 176 16.41 -5.33 1.49
N SER B 177 15.79 -4.34 0.86
CA SER B 177 14.34 -4.32 0.65
C SER B 177 13.89 -5.26 -0.43
N THR B 178 14.72 -5.52 -1.41
CA THR B 178 14.37 -6.57 -2.35
C THR B 178 13.87 -7.75 -1.52
N GLN B 179 14.58 -8.05 -0.44
CA GLN B 179 14.35 -9.25 0.36
C GLN B 179 13.19 -9.23 1.36
N ALA B 180 12.58 -8.05 1.54
CA ALA B 180 11.59 -7.78 2.61
C ALA B 180 10.29 -8.57 2.49
N HIS B 181 10.11 -9.22 1.35
CA HIS B 181 8.99 -10.11 1.09
C HIS B 181 9.12 -11.45 1.83
N SER B 182 10.29 -11.73 2.39
CA SER B 182 10.51 -12.98 3.12
C SER B 182 10.18 -12.84 4.61
N ALA B 183 9.30 -13.68 5.12
CA ALA B 183 8.93 -13.58 6.54
C ALA B 183 10.12 -13.87 7.42
N LEU B 184 11.00 -14.74 6.96
CA LEU B 184 12.14 -15.08 7.78
C LEU B 184 13.12 -13.92 7.83
N TYR B 185 13.30 -13.24 6.70
CA TYR B 185 14.23 -12.13 6.65
C TYR B 185 13.71 -10.98 7.48
N ASP B 186 12.42 -10.68 7.32
CA ASP B 186 11.76 -9.61 8.07
C ASP B 186 11.80 -9.81 9.56
N THR B 187 11.34 -10.97 10.00
CA THR B 187 11.45 -11.31 11.40
C THR B 187 12.87 -11.06 11.93
N GLU B 188 13.87 -11.69 11.34
CA GLU B 188 15.20 -11.57 11.88
C GLU B 188 15.61 -10.11 12.00
N ARG B 189 15.31 -9.32 10.99
CA ARG B 189 15.60 -7.90 11.10
C ARG B 189 14.81 -7.26 12.24
N THR B 190 13.52 -7.53 12.29
CA THR B 190 12.72 -7.03 13.39
C THR B 190 13.28 -7.41 14.78
N ALA B 191 13.72 -8.65 14.95
CA ALA B 191 14.21 -9.09 16.24
C ALA B 191 15.45 -8.32 16.59
N VAL B 192 16.38 -8.27 15.66
CA VAL B 192 17.61 -7.51 15.90
C VAL B 192 17.30 -6.04 16.20
N LEU B 193 16.40 -5.45 15.42
CA LEU B 193 16.00 -4.09 15.67
C LEU B 193 15.43 -3.90 17.06
N PHE B 194 14.58 -4.82 17.47
CA PHE B 194 13.94 -4.75 18.77
C PHE B 194 14.99 -4.92 19.85
N CYS B 195 15.83 -5.93 19.71
CA CYS B 195 16.86 -6.07 20.71
C CYS B 195 17.69 -4.82 20.73
N GLU B 196 17.89 -4.20 19.58
CA GLU B 196 18.77 -3.04 19.56
C GLU B 196 18.13 -1.88 20.24
N ILE B 197 16.83 -1.72 20.09
CA ILE B 197 16.16 -0.65 20.78
C ILE B 197 16.26 -0.89 22.28
N VAL B 198 15.82 -2.07 22.72
CA VAL B 198 15.82 -2.40 24.13
C VAL B 198 17.20 -2.26 24.72
N ASN B 199 18.23 -2.66 23.98
CA ASN B 199 19.59 -2.60 24.51
C ASN B 199 20.16 -1.21 24.57
N ARG B 200 19.89 -0.39 23.57
CA ARG B 200 20.32 1.00 23.61
C ARG B 200 19.76 1.68 24.86
N TRP B 201 18.49 1.42 25.15
CA TRP B 201 17.84 2.04 26.32
C TRP B 201 18.66 1.71 27.54
N LYS B 202 19.08 0.46 27.68
CA LYS B 202 19.94 0.11 28.80
C LYS B 202 21.25 0.90 28.73
N ARG B 203 21.88 0.82 27.57
CA ARG B 203 23.16 1.46 27.31
C ARG B 203 23.15 2.93 27.75
N LEU B 204 22.12 3.69 27.38
CA LEU B 204 22.01 5.07 27.83
C LEU B 204 21.56 5.23 29.28
N GLY B 205 21.09 4.15 29.90
CA GLY B 205 20.82 4.17 31.33
C GLY B 205 19.39 4.32 31.73
N GLY B 206 18.48 4.13 30.79
CA GLY B 206 17.05 4.14 31.06
C GLY B 206 16.56 2.88 31.76
N TRP B 207 17.41 1.86 31.86
CA TRP B 207 17.06 0.66 32.60
C TRP B 207 18.29 0.02 33.19
N PRO B 208 18.17 -0.56 34.39
CA PRO B 208 17.06 -0.62 35.34
C PRO B 208 16.48 0.74 35.55
N LEU B 209 15.36 0.82 36.24
CA LEU B 209 14.88 2.11 36.72
C LEU B 209 15.64 2.47 37.98
N SER B 210 15.99 1.44 38.78
CA SER B 210 16.86 1.65 39.94
C SER B 210 17.13 0.51 40.92
N ALA B 211 17.63 -0.65 40.46
CA ALA B 211 18.01 -1.73 41.43
C ALA B 211 19.09 -1.27 42.41
N LEU C 7 7.87 25.68 -13.43
CA LEU C 7 6.44 25.81 -12.97
C LEU C 7 5.88 24.68 -12.08
N THR C 8 4.60 24.84 -11.71
CA THR C 8 3.94 24.13 -10.60
C THR C 8 2.43 23.86 -10.86
N GLY C 9 1.80 23.04 -10.01
CA GLY C 9 0.36 22.79 -10.13
C GLY C 9 0.03 21.69 -11.11
N LEU C 10 -1.05 20.97 -10.82
CA LEU C 10 -1.33 19.69 -11.47
C LEU C 10 -1.38 19.72 -12.98
N CYS C 11 -2.22 20.58 -13.53
CA CYS C 11 -2.39 20.56 -14.97
C CYS C 11 -1.13 20.97 -15.70
N ASP C 12 -0.08 21.36 -14.96
CA ASP C 12 1.21 21.58 -15.60
C ASP C 12 1.94 20.27 -15.72
N ARG C 13 1.62 19.33 -14.84
CA ARG C 13 2.42 18.13 -14.67
C ARG C 13 2.11 17.04 -15.69
N PHE C 14 0.85 16.91 -16.08
CA PHE C 14 0.45 15.82 -16.96
C PHE C 14 -0.43 16.29 -18.08
N ARG C 15 0.13 17.12 -18.97
CA ARG C 15 -0.60 17.76 -20.08
C ARG C 15 -2.11 17.99 -19.84
N GLY C 16 -2.45 18.43 -18.63
CA GLY C 16 -3.84 18.74 -18.28
C GLY C 16 -4.61 17.58 -17.66
N PHE C 17 -3.91 16.49 -17.39
CA PHE C 17 -4.53 15.32 -16.79
C PHE C 17 -4.57 15.47 -15.29
N TYR C 18 -5.58 14.83 -14.69
CA TYR C 18 -5.88 14.96 -13.28
C TYR C 18 -5.96 13.58 -12.70
N PRO C 19 -4.84 13.09 -12.16
CA PRO C 19 -4.74 11.69 -11.78
C PRO C 19 -5.59 11.38 -10.57
N VAL C 20 -6.29 10.24 -10.61
CA VAL C 20 -7.10 9.76 -9.48
C VAL C 20 -6.77 8.31 -9.21
N VAL C 21 -6.29 8.01 -8.02
CA VAL C 21 -5.89 6.65 -7.73
C VAL C 21 -7.09 5.79 -7.40
N ILE C 22 -7.18 4.63 -8.02
CA ILE C 22 -8.29 3.73 -7.79
C ILE C 22 -7.85 2.28 -7.56
N ASP C 23 -8.50 1.61 -6.62
CA ASP C 23 -8.43 0.16 -6.58
C ASP C 23 -9.83 -0.39 -6.48
N VAL C 24 -10.06 -1.52 -7.13
CA VAL C 24 -11.34 -2.20 -7.04
C VAL C 24 -11.10 -3.61 -6.54
N GLU C 25 -12.09 -4.18 -5.88
CA GLU C 25 -12.08 -5.61 -5.60
C GLU C 25 -13.35 -6.16 -6.23
N THR C 26 -13.25 -7.38 -6.76
CA THR C 26 -14.32 -7.94 -7.59
C THR C 26 -14.57 -9.39 -7.26
N ALA C 27 -15.56 -9.97 -7.90
CA ALA C 27 -15.98 -11.34 -7.64
C ALA C 27 -15.39 -12.24 -8.71
N GLY C 28 -14.76 -11.63 -9.70
CA GLY C 28 -14.20 -12.39 -10.80
C GLY C 28 -13.41 -11.54 -11.78
N PHE C 29 -13.09 -12.14 -12.91
CA PHE C 29 -12.13 -11.58 -13.84
C PHE C 29 -12.78 -10.93 -15.05
N ASN C 30 -14.09 -11.08 -15.21
CA ASN C 30 -14.76 -10.49 -16.36
C ASN C 30 -15.58 -9.26 -15.99
N ALA C 31 -15.11 -8.11 -16.47
CA ALA C 31 -15.73 -6.81 -16.21
C ALA C 31 -17.21 -6.78 -16.52
N LYS C 32 -17.63 -7.47 -17.57
CA LYS C 32 -19.04 -7.48 -17.97
C LYS C 32 -19.87 -8.37 -17.04
N THR C 33 -19.37 -9.58 -16.79
CA THR C 33 -20.18 -10.63 -16.16
C THR C 33 -20.03 -10.72 -14.62
N ASP C 34 -18.80 -10.55 -14.15
CA ASP C 34 -18.46 -10.71 -12.74
C ASP C 34 -18.62 -9.42 -11.96
N ALA C 35 -19.01 -9.54 -10.69
CA ALA C 35 -19.39 -8.38 -9.87
C ALA C 35 -18.20 -7.57 -9.37
N LEU C 36 -18.42 -6.27 -9.11
CA LEU C 36 -17.49 -5.51 -8.30
C LEU C 36 -18.12 -5.29 -6.92
N LEU C 37 -17.26 -5.36 -5.89
CA LEU C 37 -17.73 -5.49 -4.51
C LEU C 37 -17.22 -4.38 -3.62
N GLU C 38 -16.20 -3.68 -4.10
CA GLU C 38 -15.57 -2.60 -3.36
C GLU C 38 -14.78 -1.72 -4.32
N ILE C 39 -14.79 -0.41 -4.07
CA ILE C 39 -14.00 0.54 -4.86
C ILE C 39 -13.45 1.59 -3.92
N ALA C 40 -12.26 2.10 -4.20
CA ALA C 40 -11.70 3.19 -3.40
C ALA C 40 -11.06 4.18 -4.32
N ALA C 41 -11.09 5.45 -3.96
CA ALA C 41 -10.54 6.48 -4.82
C ALA C 41 -9.84 7.50 -3.96
N ILE C 42 -8.67 7.93 -4.41
CA ILE C 42 -7.92 8.99 -3.76
C ILE C 42 -7.53 10.04 -4.78
N THR C 43 -7.87 11.30 -4.55
CA THR C 43 -7.42 12.34 -5.46
C THR C 43 -6.10 12.89 -4.97
N LEU C 44 -5.34 13.55 -5.86
CA LEU C 44 -4.07 14.19 -5.49
C LEU C 44 -4.09 15.69 -5.70
N LYS C 45 -3.03 16.34 -5.25
CA LYS C 45 -2.89 17.80 -5.36
C LYS C 45 -1.43 18.12 -5.16
N MSE C 46 -1.04 19.31 -5.58
CA MSE C 46 0.30 19.81 -5.31
C MSE C 46 0.30 21.04 -4.43
O MSE C 46 -0.70 21.76 -4.33
CB MSE C 46 1.02 20.10 -6.61
CG MSE C 46 1.66 18.88 -7.19
SE MSE C 46 2.35 19.19 -8.99
CE MSE C 46 3.70 17.72 -9.10
N ASP C 47 1.42 21.29 -3.76
CA ASP C 47 1.57 22.51 -2.97
C ASP C 47 2.16 23.62 -3.84
N GLU C 48 2.45 24.76 -3.22
CA GLU C 48 3.05 25.92 -3.89
C GLU C 48 4.39 25.61 -4.54
N GLN C 49 5.14 24.68 -3.93
CA GLN C 49 6.44 24.22 -4.41
C GLN C 49 6.38 23.13 -5.50
N GLY C 50 5.18 22.57 -5.72
CA GLY C 50 4.97 21.56 -6.75
C GLY C 50 5.31 20.15 -6.31
N TRP C 51 4.85 19.77 -5.11
CA TRP C 51 5.00 18.41 -4.61
C TRP C 51 3.65 17.69 -4.56
N LEU C 52 3.65 16.47 -5.08
CA LEU C 52 2.43 15.67 -5.19
C LEU C 52 2.13 14.89 -3.91
N MSE C 53 0.89 14.98 -3.45
CA MSE C 53 0.46 14.21 -2.31
C MSE C 53 -1.05 14.01 -2.38
O MSE C 53 -1.72 14.72 -3.13
CB MSE C 53 0.80 14.94 -1.04
CG MSE C 53 -0.12 16.08 -0.77
SE MSE C 53 0.88 17.67 -0.16
CE MSE C 53 1.61 17.03 1.62
N PRO C 54 -1.58 13.03 -1.60
CA PRO C 54 -3.01 12.73 -1.55
C PRO C 54 -3.85 13.88 -1.07
N ASP C 55 -5.14 13.79 -1.37
CA ASP C 55 -6.06 14.87 -1.11
C ASP C 55 -7.36 14.34 -0.50
N THR C 56 -8.18 13.66 -1.32
CA THR C 56 -9.52 13.23 -0.91
C THR C 56 -9.62 11.72 -1.02
N THR C 57 -10.32 11.10 -0.08
CA THR C 57 -10.48 9.65 -0.08
C THR C 57 -11.93 9.27 0.05
N LEU C 58 -12.37 8.43 -0.88
CA LEU C 58 -13.66 7.77 -0.83
C LEU C 58 -13.44 6.29 -0.90
N HIS C 59 -14.32 5.55 -0.23
CA HIS C 59 -14.26 4.10 -0.20
C HIS C 59 -15.66 3.55 -0.03
N PHE C 60 -16.09 2.75 -0.99
CA PHE C 60 -17.44 2.19 -0.98
C PHE C 60 -17.46 0.67 -1.11
N HIS C 61 -18.35 0.04 -0.35
CA HIS C 61 -18.65 -1.35 -0.55
C HIS C 61 -19.83 -1.39 -1.51
N VAL C 62 -19.65 -2.14 -2.58
CA VAL C 62 -20.60 -2.14 -3.68
C VAL C 62 -21.42 -3.41 -3.62
N GLU C 63 -22.74 -3.25 -3.68
CA GLU C 63 -23.61 -4.40 -3.87
C GLU C 63 -23.57 -4.81 -5.34
N PRO C 64 -23.43 -6.13 -5.56
CA PRO C 64 -23.61 -6.88 -6.82
C PRO C 64 -24.80 -6.41 -7.68
N PHE C 65 -24.51 -6.04 -8.93
CA PHE C 65 -25.54 -5.57 -9.87
C PHE C 65 -26.40 -6.71 -10.36
N VAL C 66 -27.61 -6.36 -10.81
CA VAL C 66 -28.67 -7.32 -11.18
C VAL C 66 -28.27 -8.76 -11.54
N GLY C 67 -27.69 -8.96 -12.72
CA GLY C 67 -27.37 -10.31 -13.19
C GLY C 67 -26.00 -10.81 -12.77
N ALA C 68 -25.20 -9.94 -12.16
CA ALA C 68 -23.79 -10.23 -11.86
C ALA C 68 -23.46 -11.65 -11.39
N ASN C 69 -22.29 -12.13 -11.76
CA ASN C 69 -21.85 -13.45 -11.36
C ASN C 69 -20.78 -13.38 -10.24
N LEU C 70 -20.75 -14.39 -9.37
CA LEU C 70 -19.81 -14.43 -8.24
C LEU C 70 -18.93 -15.67 -8.17
N GLN C 71 -17.75 -15.61 -8.76
CA GLN C 71 -16.82 -16.74 -8.76
C GLN C 71 -16.17 -17.01 -7.38
N PRO C 72 -16.24 -18.27 -6.89
CA PRO C 72 -15.64 -18.63 -5.61
C PRO C 72 -14.11 -18.39 -5.56
N GLU C 73 -13.46 -18.43 -6.72
CA GLU C 73 -12.02 -18.22 -6.85
C GLU C 73 -11.58 -16.87 -6.29
N ALA C 74 -12.17 -15.79 -6.80
CA ALA C 74 -11.83 -14.45 -6.34
C ALA C 74 -12.17 -14.29 -4.85
N LEU C 75 -13.36 -14.75 -4.46
CA LEU C 75 -13.84 -14.66 -3.07
C LEU C 75 -12.85 -15.19 -2.04
N ALA C 76 -12.48 -16.46 -2.17
CA ALA C 76 -11.47 -17.07 -1.29
C ALA C 76 -10.05 -16.52 -1.60
N PHE C 77 -9.97 -15.20 -1.74
CA PHE C 77 -8.70 -14.56 -2.03
C PHE C 77 -8.75 -13.10 -1.63
N ASN C 78 -9.96 -12.58 -1.49
CA ASN C 78 -10.17 -11.24 -0.91
C ASN C 78 -11.02 -11.25 0.37
N GLY C 79 -11.46 -12.44 0.79
CA GLY C 79 -12.24 -12.56 1.99
C GLY C 79 -13.65 -12.07 1.84
N ILE C 80 -13.89 -11.11 0.95
CA ILE C 80 -15.20 -10.47 0.86
C ILE C 80 -16.37 -11.45 0.96
N ASP C 81 -17.26 -11.25 1.91
CA ASP C 81 -18.50 -12.01 1.93
C ASP C 81 -19.65 -11.10 1.53
N PRO C 82 -20.26 -11.35 0.35
CA PRO C 82 -21.27 -10.44 -0.19
C PRO C 82 -22.64 -10.60 0.42
N ASN C 83 -22.80 -11.55 1.35
CA ASN C 83 -24.11 -11.80 1.95
C ASN C 83 -24.31 -11.09 3.27
N ASP C 84 -23.22 -11.01 4.04
CA ASP C 84 -23.16 -10.25 5.29
C ASP C 84 -23.74 -8.84 5.12
N PRO C 85 -24.93 -8.57 5.72
CA PRO C 85 -25.58 -7.26 5.50
C PRO C 85 -24.86 -6.11 6.22
N ASP C 86 -24.16 -6.42 7.31
CA ASP C 86 -23.37 -5.42 8.06
C ASP C 86 -22.18 -4.88 7.26
N ARG C 87 -22.13 -5.25 5.99
CA ARG C 87 -21.01 -4.86 5.14
C ARG C 87 -21.13 -3.38 4.76
N GLY C 88 -22.36 -2.88 4.74
CA GLY C 88 -22.61 -1.49 4.34
C GLY C 88 -22.57 -1.32 2.83
N ALA C 89 -23.13 -2.30 2.12
CA ALA C 89 -23.14 -2.33 0.65
C ALA C 89 -23.86 -1.11 0.08
N VAL C 90 -23.72 -0.90 -1.22
CA VAL C 90 -24.21 0.30 -1.88
C VAL C 90 -24.38 0.03 -3.37
N SER C 91 -25.27 0.78 -4.01
CA SER C 91 -25.47 0.67 -5.45
C SER C 91 -24.22 1.14 -6.18
N GLU C 92 -23.85 0.46 -7.26
CA GLU C 92 -22.72 0.92 -8.12
C GLU C 92 -22.86 2.40 -8.44
N TYR C 93 -24.10 2.80 -8.76
CA TYR C 93 -24.44 4.18 -9.03
C TYR C 93 -24.04 5.11 -7.90
N GLU C 94 -24.56 4.82 -6.72
CA GLU C 94 -24.29 5.64 -5.55
C GLU C 94 -22.80 5.84 -5.41
N ALA C 95 -22.05 4.73 -5.38
CA ALA C 95 -20.60 4.75 -5.25
C ALA C 95 -19.97 5.63 -6.32
N LEU C 96 -20.21 5.31 -7.58
CA LEU C 96 -19.60 6.05 -8.68
C LEU C 96 -20.03 7.50 -8.79
N HIS C 97 -21.31 7.77 -8.47
CA HIS C 97 -21.85 9.13 -8.55
C HIS C 97 -21.11 10.05 -7.62
N GLU C 98 -20.94 9.59 -6.37
CA GLU C 98 -20.19 10.33 -5.37
C GLU C 98 -18.77 10.53 -5.85
N ILE C 99 -18.17 9.47 -6.41
CA ILE C 99 -16.79 9.54 -6.86
C ILE C 99 -16.64 10.59 -7.96
N PHE C 100 -17.48 10.47 -8.98
CA PHE C 100 -17.38 11.39 -10.09
C PHE C 100 -17.59 12.83 -9.61
N LYS C 101 -18.65 13.04 -8.81
CA LYS C 101 -18.98 14.33 -8.22
C LYS C 101 -17.75 15.03 -7.67
N VAL C 102 -17.03 14.32 -6.81
CA VAL C 102 -15.78 14.80 -6.25
C VAL C 102 -14.76 15.08 -7.35
N VAL C 103 -14.57 14.11 -8.23
CA VAL C 103 -13.56 14.27 -9.26
C VAL C 103 -13.81 15.53 -10.10
N ARG C 104 -14.99 15.64 -10.71
CA ARG C 104 -15.36 16.85 -11.46
C ARG C 104 -15.03 18.11 -10.67
N LYS C 105 -15.53 18.20 -9.43
CA LYS C 105 -15.23 19.32 -8.55
C LYS C 105 -13.73 19.60 -8.50
N GLY C 106 -12.95 18.57 -8.23
CA GLY C 106 -11.50 18.68 -8.17
C GLY C 106 -10.78 19.00 -9.46
N ILE C 107 -11.35 18.59 -10.60
CA ILE C 107 -10.79 18.91 -11.91
C ILE C 107 -10.89 20.40 -12.17
N LYS C 108 -12.09 20.95 -11.97
CA LYS C 108 -12.33 22.37 -12.17
C LYS C 108 -11.37 23.17 -11.30
N ALA C 109 -11.33 22.82 -10.01
CA ALA C 109 -10.49 23.46 -9.00
C ALA C 109 -8.97 23.42 -9.29
N SER C 110 -8.49 22.34 -9.89
CA SER C 110 -7.07 22.20 -10.17
C SER C 110 -6.71 22.76 -11.54
N GLY C 111 -7.72 23.18 -12.28
CA GLY C 111 -7.55 23.73 -13.62
C GLY C 111 -7.23 22.70 -14.68
N CYS C 112 -7.56 21.44 -14.43
CA CYS C 112 -7.36 20.39 -15.42
C CYS C 112 -8.59 20.28 -16.31
N ASN C 113 -8.60 19.29 -17.19
CA ASN C 113 -9.79 19.02 -18.00
C ASN C 113 -10.12 17.54 -18.15
N ARG C 114 -9.20 16.66 -17.76
CA ARG C 114 -9.49 15.22 -17.81
C ARG C 114 -8.97 14.41 -16.64
N ALA C 115 -9.81 13.51 -16.13
CA ALA C 115 -9.39 12.59 -15.08
C ALA C 115 -8.81 11.34 -15.70
N ILE C 116 -7.57 11.04 -15.32
CA ILE C 116 -6.89 9.83 -15.75
C ILE C 116 -6.72 8.96 -14.53
N MSE C 117 -7.00 7.67 -14.68
CA MSE C 117 -6.98 6.79 -13.54
C MSE C 117 -5.62 6.19 -13.28
O MSE C 117 -5.01 5.58 -14.14
CB MSE C 117 -7.99 5.68 -13.74
CG MSE C 117 -8.17 4.83 -12.51
SE MSE C 117 -8.91 3.04 -12.98
CE MSE C 117 -7.26 2.32 -13.77
N VAL C 118 -5.14 6.37 -12.06
CA VAL C 118 -3.89 5.78 -11.63
C VAL C 118 -4.25 4.55 -10.82
N ALA C 119 -3.70 3.40 -11.19
CA ALA C 119 -3.85 2.16 -10.43
C ALA C 119 -2.75 1.16 -10.75
N HIS C 120 -2.70 0.08 -9.98
CA HIS C 120 -1.69 -0.97 -10.16
C HIS C 120 -2.24 -2.09 -11.05
N ASN C 121 -1.52 -2.43 -12.11
CA ASN C 121 -2.09 -3.17 -13.26
C ASN C 121 -3.43 -2.52 -13.60
N ALA C 122 -3.35 -1.29 -14.08
CA ALA C 122 -4.50 -0.40 -14.19
C ALA C 122 -5.66 -0.87 -15.06
N ASN C 123 -5.37 -1.53 -16.19
CA ASN C 123 -6.44 -1.95 -17.11
C ASN C 123 -7.56 -2.73 -16.47
N PHE C 124 -7.19 -3.69 -15.63
CA PHE C 124 -8.14 -4.47 -14.87
C PHE C 124 -9.12 -3.54 -14.18
N ASP C 125 -8.59 -2.67 -13.33
CA ASP C 125 -9.41 -1.76 -12.52
C ASP C 125 -10.19 -0.79 -13.41
N HIS C 126 -9.51 -0.21 -14.39
CA HIS C 126 -10.18 0.70 -15.31
C HIS C 126 -11.32 0.03 -16.06
N SER C 127 -11.14 -1.23 -16.45
CA SER C 127 -12.16 -1.90 -17.23
C SER C 127 -13.40 -2.12 -16.39
N PHE C 128 -13.20 -2.51 -15.13
CA PHE C 128 -14.30 -2.75 -14.22
C PHE C 128 -15.03 -1.47 -13.86
N MSE C 129 -14.32 -0.38 -13.74
CA MSE C 129 -14.95 0.84 -13.32
C MSE C 129 -15.76 1.47 -14.43
O MSE C 129 -16.78 2.09 -14.17
CB MSE C 129 -13.89 1.79 -12.86
CG MSE C 129 -14.44 2.94 -12.05
SE MSE C 129 -13.54 4.61 -12.58
CE MSE C 129 -14.44 4.93 -14.34
N MSE C 130 -15.32 1.32 -15.67
CA MSE C 130 -16.03 1.84 -16.83
C MSE C 130 -17.30 1.06 -17.08
O MSE C 130 -18.34 1.62 -17.42
CB MSE C 130 -15.17 1.79 -18.08
CG MSE C 130 -13.93 2.64 -17.99
SE MSE C 130 -14.32 4.56 -17.73
CE MSE C 130 -14.96 4.93 -19.57
N ALA C 131 -17.18 -0.26 -16.93
CA ALA C 131 -18.26 -1.18 -17.19
C ALA C 131 -19.39 -0.98 -16.19
N ALA C 132 -19.03 -0.57 -14.98
CA ALA C 132 -20.01 -0.32 -13.93
C ALA C 132 -20.66 1.05 -14.10
N ALA C 133 -19.84 2.04 -14.46
CA ALA C 133 -20.33 3.36 -14.85
C ALA C 133 -21.35 3.23 -15.98
N GLU C 134 -21.06 2.30 -16.89
CA GLU C 134 -21.95 1.89 -17.96
C GLU C 134 -23.32 1.48 -17.44
N ARG C 135 -23.31 0.56 -16.47
CA ARG C 135 -24.52 -0.02 -15.90
C ARG C 135 -25.32 0.99 -15.09
N ALA C 136 -24.64 1.97 -14.51
CA ALA C 136 -25.29 3.01 -13.74
C ALA C 136 -25.84 4.14 -14.63
N SER C 137 -25.49 4.08 -15.92
CA SER C 137 -25.82 5.11 -16.90
C SER C 137 -25.48 6.51 -16.44
N LEU C 138 -24.29 6.66 -15.87
CA LEU C 138 -23.78 7.95 -15.44
C LEU C 138 -23.24 8.71 -16.64
N LYS C 139 -23.82 9.88 -16.90
CA LYS C 139 -23.54 10.63 -18.13
C LYS C 139 -22.18 11.32 -18.10
N ARG C 140 -22.04 12.36 -17.27
CA ARG C 140 -20.87 13.22 -17.28
C ARG C 140 -19.67 12.54 -16.64
N ASN C 141 -19.06 11.59 -17.36
CA ASN C 141 -17.97 10.80 -16.80
C ASN C 141 -16.62 11.49 -16.98
N PRO C 142 -15.98 11.85 -15.85
CA PRO C 142 -14.70 12.55 -15.77
C PRO C 142 -13.48 11.80 -16.33
N PHE C 143 -13.58 10.48 -16.45
CA PHE C 143 -12.42 9.67 -16.83
C PHE C 143 -12.19 9.42 -18.30
N HIS C 144 -10.98 9.72 -18.75
CA HIS C 144 -10.50 9.35 -20.09
C HIS C 144 -10.80 7.88 -20.35
N PRO C 145 -11.32 7.56 -21.52
CA PRO C 145 -11.91 6.23 -21.60
C PRO C 145 -10.93 5.08 -21.88
N PHE C 146 -9.64 5.38 -22.06
CA PHE C 146 -8.65 4.31 -22.23
C PHE C 146 -7.28 4.53 -21.63
N ALA C 147 -6.80 5.77 -21.58
CA ALA C 147 -5.47 6.04 -21.05
C ALA C 147 -5.41 5.87 -19.52
N THR C 148 -4.34 5.27 -19.00
CA THR C 148 -4.27 5.10 -17.56
C THR C 148 -2.85 5.04 -17.04
N PHE C 149 -2.58 5.73 -15.94
CA PHE C 149 -1.25 5.65 -15.39
C PHE C 149 -1.11 4.36 -14.58
N ASP C 150 -0.48 3.36 -15.18
CA ASP C 150 -0.30 2.09 -14.51
C ASP C 150 0.94 2.11 -13.62
N THR C 151 0.76 2.03 -12.32
CA THR C 151 1.92 2.08 -11.44
C THR C 151 2.80 0.84 -11.50
N ALA C 152 2.28 -0.24 -12.04
CA ALA C 152 3.10 -1.42 -12.14
C ALA C 152 4.24 -1.13 -13.11
N ALA C 153 3.95 -0.39 -14.18
CA ALA C 153 5.01 0.03 -15.13
C ALA C 153 5.90 1.11 -14.52
N LEU C 154 5.29 2.18 -14.02
CA LEU C 154 6.00 3.26 -13.32
C LEU C 154 7.04 2.73 -12.36
N ALA C 155 6.60 1.97 -11.35
CA ALA C 155 7.52 1.33 -10.41
C ALA C 155 8.62 0.49 -11.09
N GLY C 156 8.31 0.02 -12.29
CA GLY C 156 9.23 -0.80 -13.04
C GLY C 156 10.44 0.06 -13.27
N LEU C 157 10.18 1.21 -13.88
CA LEU C 157 11.18 2.23 -14.20
C LEU C 157 11.80 2.86 -12.96
N ALA C 158 10.96 3.20 -12.00
CA ALA C 158 11.37 4.01 -10.88
C ALA C 158 12.16 3.24 -9.85
N LEU C 159 11.90 1.94 -9.72
CA LEU C 159 12.42 1.18 -8.58
C LEU C 159 12.89 -0.21 -8.96
N GLY C 160 12.64 -0.58 -10.22
CA GLY C 160 12.95 -1.94 -10.71
C GLY C 160 12.13 -3.00 -9.98
N GLN C 161 10.86 -2.70 -9.76
CA GLN C 161 9.97 -3.58 -9.03
C GLN C 161 8.60 -3.53 -9.69
N THR C 162 7.86 -4.63 -9.62
CA THR C 162 6.60 -4.75 -10.37
C THR C 162 5.39 -4.99 -9.47
N VAL C 163 5.61 -5.81 -8.45
CA VAL C 163 4.59 -6.18 -7.49
C VAL C 163 4.36 -5.03 -6.51
N LEU C 164 3.10 -4.69 -6.22
CA LEU C 164 2.83 -3.56 -5.33
C LEU C 164 3.62 -3.61 -4.02
N SER C 165 3.56 -4.75 -3.33
CA SER C 165 4.21 -4.83 -2.04
C SER C 165 5.68 -4.52 -2.19
N LYS C 166 6.38 -5.22 -3.09
CA LYS C 166 7.81 -5.02 -3.22
C LYS C 166 8.12 -3.63 -3.75
N ALA C 167 7.25 -3.10 -4.59
CA ALA C 167 7.51 -1.78 -5.12
C ALA C 167 7.52 -0.80 -3.97
N CYS C 168 6.52 -0.96 -3.09
CA CYS C 168 6.36 -0.12 -1.89
C CYS C 168 7.51 -0.23 -0.92
N GLN C 169 7.86 -1.45 -0.55
CA GLN C 169 8.96 -1.68 0.38
C GLN C 169 10.23 -1.09 -0.19
N THR C 170 10.41 -1.19 -1.49
CA THR C 170 11.59 -0.63 -2.14
C THR C 170 11.59 0.88 -2.17
N ALA C 171 10.43 1.49 -2.31
CA ALA C 171 10.33 2.93 -2.26
C ALA C 171 10.45 3.45 -0.82
N GLY C 172 10.84 2.59 0.10
CA GLY C 172 11.03 2.96 1.50
C GLY C 172 9.77 3.26 2.30
N MSE C 173 8.70 2.51 2.05
CA MSE C 173 7.50 2.57 2.88
C MSE C 173 7.08 1.18 3.38
O MSE C 173 7.58 0.20 2.88
CB MSE C 173 6.36 3.27 2.15
CG MSE C 173 5.99 2.61 0.87
SE MSE C 173 4.99 3.76 -0.40
CE MSE C 173 6.44 5.04 -0.83
N ASP C 174 6.23 1.12 4.40
CA ASP C 174 5.83 -0.17 4.96
C ASP C 174 4.73 -0.70 4.09
N PHE C 175 4.60 -2.02 4.03
CA PHE C 175 3.51 -2.65 3.32
C PHE C 175 3.25 -3.95 4.01
N ASP C 176 2.03 -4.15 4.49
CA ASP C 176 1.73 -5.40 5.17
C ASP C 176 0.90 -6.32 4.26
N SER C 177 1.51 -7.44 3.86
CA SER C 177 0.89 -8.37 2.92
C SER C 177 -0.41 -9.03 3.46
N THR C 178 -0.43 -9.43 4.72
CA THR C 178 -1.72 -9.88 5.29
C THR C 178 -2.89 -8.88 5.08
N GLN C 179 -2.61 -7.59 4.82
CA GLN C 179 -3.68 -6.59 4.62
C GLN C 179 -4.01 -6.35 3.15
N ALA C 180 -3.50 -7.25 2.30
CA ALA C 180 -3.28 -7.02 0.87
C ALA C 180 -4.51 -6.89 -0.02
N HIS C 181 -5.64 -7.48 0.32
CA HIS C 181 -6.72 -7.37 -0.66
C HIS C 181 -7.94 -6.59 -0.16
N SER C 182 -7.67 -5.52 0.62
CA SER C 182 -8.67 -4.51 0.98
C SER C 182 -8.50 -3.38 -0.01
N ALA C 183 -9.60 -3.00 -0.68
CA ALA C 183 -9.51 -1.97 -1.69
C ALA C 183 -8.98 -0.71 -1.06
N LEU C 184 -9.43 -0.42 0.15
CA LEU C 184 -9.00 0.79 0.81
C LEU C 184 -7.50 0.79 1.08
N TYR C 185 -6.96 -0.34 1.52
CA TYR C 185 -5.54 -0.44 1.84
C TYR C 185 -4.67 -0.24 0.60
N ASP C 186 -4.92 -1.05 -0.42
CA ASP C 186 -4.19 -0.98 -1.69
C ASP C 186 -4.17 0.37 -2.38
N THR C 187 -5.30 1.07 -2.33
CA THR C 187 -5.44 2.37 -2.99
C THR C 187 -4.53 3.37 -2.34
N GLU C 188 -4.57 3.39 -1.01
CA GLU C 188 -3.78 4.33 -0.23
C GLU C 188 -2.27 4.10 -0.44
N ARG C 189 -1.81 2.85 -0.41
CA ARG C 189 -0.43 2.58 -0.75
C ARG C 189 -0.12 3.07 -2.19
N THR C 190 -0.97 2.72 -3.15
CA THR C 190 -0.78 3.13 -4.54
C THR C 190 -0.68 4.64 -4.66
N ALA C 191 -1.58 5.34 -3.97
CA ALA C 191 -1.52 6.79 -3.88
C ALA C 191 -0.13 7.25 -3.41
N VAL C 192 0.26 6.80 -2.22
CA VAL C 192 1.59 7.12 -1.67
C VAL C 192 2.73 6.70 -2.60
N LEU C 193 2.74 5.45 -3.05
CA LEU C 193 3.79 5.02 -3.94
C LEU C 193 3.87 5.89 -5.22
N PHE C 194 2.74 6.17 -5.83
CA PHE C 194 2.74 6.94 -7.08
C PHE C 194 3.31 8.33 -6.81
N CYS C 195 2.83 8.96 -5.74
CA CYS C 195 3.32 10.25 -5.35
C CYS C 195 4.81 10.22 -5.18
N GLU C 196 5.30 9.25 -4.40
CA GLU C 196 6.73 9.09 -4.23
C GLU C 196 7.46 9.01 -5.57
N ILE C 197 6.90 8.26 -6.50
CA ILE C 197 7.57 8.18 -7.78
C ILE C 197 7.62 9.55 -8.46
N VAL C 198 6.49 10.24 -8.52
CA VAL C 198 6.44 11.54 -9.18
C VAL C 198 7.40 12.52 -8.51
N ASN C 199 7.42 12.52 -7.18
CA ASN C 199 8.28 13.40 -6.45
C ASN C 199 9.75 13.07 -6.61
N ARG C 200 10.11 11.79 -6.50
CA ARG C 200 11.52 11.42 -6.58
C ARG C 200 12.11 11.86 -7.90
N TRP C 201 11.29 11.78 -8.94
CA TRP C 201 11.67 12.26 -10.26
C TRP C 201 12.02 13.75 -10.17
N LYS C 202 11.16 14.54 -9.51
CA LYS C 202 11.45 15.97 -9.29
C LYS C 202 12.74 16.12 -8.52
N ARG C 203 12.86 15.47 -7.37
CA ARG C 203 14.05 15.54 -6.52
C ARG C 203 15.38 15.28 -7.24
N LEU C 204 15.48 14.19 -7.99
CA LEU C 204 16.66 13.96 -8.82
C LEU C 204 16.74 14.93 -10.00
N GLY C 205 16.04 16.06 -9.89
CA GLY C 205 16.04 17.09 -10.92
C GLY C 205 15.74 16.51 -12.29
N GLY C 206 14.58 15.87 -12.42
CA GLY C 206 14.12 15.32 -13.70
C GLY C 206 12.96 16.14 -14.21
N TRP C 207 12.32 16.86 -13.29
CA TRP C 207 11.27 17.76 -13.63
C TRP C 207 11.50 19.10 -12.95
N PRO C 208 11.34 20.20 -13.71
CA PRO C 208 10.98 20.27 -15.14
C PRO C 208 12.12 19.93 -16.10
N LEU C 209 12.05 20.45 -17.33
CA LEU C 209 12.91 19.96 -18.40
C LEU C 209 13.71 21.09 -19.04
N LEU D 7 25.03 -1.42 -9.83
CA LEU D 7 25.59 -2.41 -10.79
C LEU D 7 24.74 -2.56 -12.06
N THR D 8 25.43 -2.98 -13.13
CA THR D 8 24.91 -3.13 -14.48
C THR D 8 24.03 -4.37 -14.58
N GLY D 9 23.67 -4.74 -15.81
CA GLY D 9 22.99 -6.02 -16.12
C GLY D 9 21.50 -5.92 -16.33
N LEU D 10 21.00 -6.56 -17.39
CA LEU D 10 19.60 -6.42 -17.74
C LEU D 10 18.66 -7.04 -16.73
N CYS D 11 19.00 -8.22 -16.23
CA CYS D 11 18.06 -8.86 -15.33
C CYS D 11 18.08 -8.27 -13.95
N ASP D 12 18.93 -7.30 -13.70
CA ASP D 12 18.86 -6.63 -12.41
C ASP D 12 17.88 -5.52 -12.53
N ARG D 13 17.67 -5.04 -13.74
CA ARG D 13 16.97 -3.79 -13.93
C ARG D 13 15.48 -3.88 -13.70
N PHE D 14 14.85 -4.95 -14.18
CA PHE D 14 13.43 -5.03 -14.01
C PHE D 14 13.00 -6.31 -13.37
N ARG D 15 13.61 -6.63 -12.23
CA ARG D 15 13.16 -7.76 -11.43
C ARG D 15 13.33 -9.08 -12.18
N GLY D 16 14.14 -9.07 -13.23
CA GLY D 16 14.36 -10.27 -14.02
C GLY D 16 13.32 -10.43 -15.10
N PHE D 17 12.68 -9.33 -15.47
CA PHE D 17 11.86 -9.29 -16.66
C PHE D 17 12.74 -8.91 -17.84
N TYR D 18 12.43 -9.47 -19.00
CA TYR D 18 13.09 -9.17 -20.27
C TYR D 18 12.11 -8.32 -21.04
N PRO D 19 12.34 -7.00 -21.09
CA PRO D 19 11.43 -6.14 -21.85
C PRO D 19 11.51 -6.40 -23.36
N VAL D 20 10.37 -6.43 -24.02
CA VAL D 20 10.33 -6.62 -25.46
C VAL D 20 9.28 -5.72 -26.06
N VAL D 21 9.71 -4.83 -26.94
CA VAL D 21 8.80 -3.85 -27.52
C VAL D 21 8.01 -4.44 -28.67
N ILE D 22 6.71 -4.27 -28.62
CA ILE D 22 5.82 -4.98 -29.51
C ILE D 22 4.84 -3.99 -30.12
N ASP D 23 4.46 -4.22 -31.36
CA ASP D 23 3.35 -3.48 -31.90
C ASP D 23 2.65 -4.40 -32.85
N VAL D 24 1.34 -4.53 -32.69
CA VAL D 24 0.56 -5.27 -33.69
C VAL D 24 -0.35 -4.31 -34.42
N GLU D 25 -0.68 -4.66 -35.66
CA GLU D 25 -1.70 -3.96 -36.41
C GLU D 25 -2.79 -4.98 -36.72
N THR D 26 -4.04 -4.56 -36.57
CA THR D 26 -5.16 -5.49 -36.66
C THR D 26 -6.21 -5.11 -37.69
N ALA D 27 -7.07 -6.06 -38.02
CA ALA D 27 -8.29 -5.81 -38.75
C ALA D 27 -9.31 -5.02 -37.91
N GLY D 28 -9.38 -5.27 -36.61
CA GLY D 28 -10.41 -4.65 -35.81
C GLY D 28 -10.05 -4.41 -34.37
N PHE D 29 -11.03 -3.92 -33.60
CA PHE D 29 -10.85 -3.59 -32.19
C PHE D 29 -10.90 -4.83 -31.27
N ASN D 30 -11.52 -5.90 -31.74
CA ASN D 30 -11.80 -7.05 -30.88
C ASN D 30 -10.82 -8.22 -31.00
N ALA D 31 -10.00 -8.41 -29.96
CA ALA D 31 -8.95 -9.42 -29.94
C ALA D 31 -9.43 -10.85 -30.08
N LYS D 32 -10.64 -11.14 -29.58
CA LYS D 32 -11.26 -12.48 -29.75
C LYS D 32 -11.67 -12.77 -31.19
N THR D 33 -12.36 -11.84 -31.83
CA THR D 33 -12.91 -12.06 -33.18
C THR D 33 -12.08 -11.56 -34.36
N ASP D 34 -11.38 -10.44 -34.19
CA ASP D 34 -10.71 -9.75 -35.31
C ASP D 34 -9.30 -10.25 -35.58
N ALA D 35 -8.89 -10.19 -36.85
CA ALA D 35 -7.59 -10.71 -37.29
C ALA D 35 -6.38 -9.89 -36.86
N LEU D 36 -5.24 -10.56 -36.80
CA LEU D 36 -4.01 -9.88 -36.51
C LEU D 36 -3.28 -9.81 -37.85
N LEU D 37 -2.87 -8.62 -38.28
CA LEU D 37 -2.32 -8.46 -39.64
C LEU D 37 -0.81 -8.25 -39.66
N GLU D 38 -0.30 -7.46 -38.73
CA GLU D 38 1.11 -7.12 -38.75
C GLU D 38 1.61 -7.17 -37.33
N ILE D 39 2.91 -7.37 -37.14
CA ILE D 39 3.47 -7.43 -35.81
C ILE D 39 4.97 -7.27 -35.83
N ALA D 40 5.48 -6.38 -34.98
CA ALA D 40 6.90 -6.11 -34.89
C ALA D 40 7.30 -6.27 -33.47
N ALA D 41 8.54 -6.69 -33.27
CA ALA D 41 9.06 -6.94 -31.95
C ALA D 41 10.50 -6.56 -31.98
N ILE D 42 10.91 -5.79 -30.98
CA ILE D 42 12.30 -5.45 -30.82
C ILE D 42 12.71 -5.86 -29.43
N THR D 43 13.78 -6.65 -29.32
CA THR D 43 14.30 -6.98 -28.00
C THR D 43 15.25 -5.92 -27.53
N LEU D 44 15.70 -6.04 -26.28
CA LEU D 44 16.55 -5.04 -25.69
C LEU D 44 17.77 -5.68 -25.08
N LYS D 45 18.83 -4.89 -24.99
CA LYS D 45 20.10 -5.33 -24.45
C LYS D 45 20.76 -4.16 -23.77
N MSE D 46 21.77 -4.48 -22.99
CA MSE D 46 22.34 -3.49 -22.14
C MSE D 46 23.83 -3.73 -22.11
O MSE D 46 24.28 -4.79 -21.69
CB MSE D 46 21.72 -3.65 -20.77
CG MSE D 46 22.10 -2.60 -19.81
SE MSE D 46 20.74 -2.57 -18.43
CE MSE D 46 19.76 -0.93 -18.92
N ASP D 47 24.59 -2.76 -22.57
CA ASP D 47 26.04 -2.91 -22.67
C ASP D 47 26.71 -2.99 -21.30
N GLU D 48 28.00 -3.31 -21.33
CA GLU D 48 28.89 -3.43 -20.16
C GLU D 48 28.69 -2.34 -19.09
N GLN D 49 28.13 -1.22 -19.51
CA GLN D 49 28.07 -0.02 -18.69
C GLN D 49 26.71 0.29 -18.03
N GLY D 50 25.67 -0.39 -18.49
CA GLY D 50 24.33 -0.28 -17.90
C GLY D 50 23.33 0.53 -18.71
N TRP D 51 23.68 0.80 -19.96
CA TRP D 51 22.82 1.58 -20.83
C TRP D 51 21.98 0.65 -21.66
N LEU D 52 20.73 1.05 -21.84
CA LEU D 52 19.79 0.27 -22.60
C LEU D 52 19.86 0.71 -24.04
N MSE D 53 19.80 -0.26 -24.95
CA MSE D 53 19.63 0.02 -26.36
C MSE D 53 18.90 -1.15 -27.01
O MSE D 53 18.88 -2.24 -26.46
CB MSE D 53 20.99 0.21 -27.00
CG MSE D 53 21.80 -1.08 -27.11
SE MSE D 53 23.62 -0.77 -26.40
CE MSE D 53 24.73 -2.11 -27.40
N PRO D 54 18.29 -0.91 -28.18
CA PRO D 54 17.72 -1.99 -28.99
C PRO D 54 18.66 -3.17 -29.25
N ASP D 55 18.11 -4.36 -29.42
CA ASP D 55 18.90 -5.51 -29.80
C ASP D 55 18.44 -6.13 -31.13
N THR D 56 17.51 -7.08 -31.10
CA THR D 56 17.00 -7.72 -32.32
C THR D 56 15.68 -7.12 -32.78
N THR D 57 15.50 -7.05 -34.10
CA THR D 57 14.23 -6.58 -34.65
C THR D 57 13.61 -7.65 -35.54
N LEU D 58 12.30 -7.83 -35.37
CA LEU D 58 11.56 -8.78 -36.15
C LEU D 58 10.31 -8.13 -36.64
N HIS D 59 9.91 -8.48 -37.84
CA HIS D 59 8.72 -7.94 -38.41
C HIS D 59 8.03 -9.01 -39.20
N PHE D 60 6.72 -9.08 -39.09
CA PHE D 60 5.97 -10.06 -39.83
C PHE D 60 4.67 -9.45 -40.32
N HIS D 61 4.29 -9.77 -41.55
CA HIS D 61 2.91 -9.56 -41.91
C HIS D 61 2.19 -10.88 -41.61
N VAL D 62 1.08 -10.79 -40.90
CA VAL D 62 0.35 -11.98 -40.52
C VAL D 62 -0.84 -12.16 -41.42
N GLU D 63 -1.02 -13.38 -41.92
CA GLU D 63 -2.25 -13.72 -42.63
C GLU D 63 -3.36 -13.98 -41.59
N PRO D 64 -4.60 -13.53 -41.88
CA PRO D 64 -5.71 -13.67 -40.94
C PRO D 64 -5.94 -15.11 -40.53
N PHE D 65 -6.13 -15.36 -39.24
CA PHE D 65 -6.46 -16.69 -38.79
C PHE D 65 -7.79 -17.12 -39.38
N VAL D 66 -8.12 -18.39 -39.25
CA VAL D 66 -9.23 -18.95 -40.01
C VAL D 66 -10.62 -18.36 -39.72
N GLY D 67 -11.06 -18.35 -38.47
CA GLY D 67 -12.39 -17.78 -38.22
C GLY D 67 -12.49 -16.25 -38.25
N ALA D 68 -11.47 -15.58 -38.78
CA ALA D 68 -11.34 -14.14 -38.57
C ALA D 68 -12.45 -13.37 -39.25
N ASN D 69 -12.97 -12.36 -38.55
CA ASN D 69 -13.89 -11.41 -39.16
C ASN D 69 -13.18 -10.55 -40.22
N LEU D 70 -13.66 -10.67 -41.46
CA LEU D 70 -13.13 -9.90 -42.58
C LEU D 70 -14.32 -9.30 -43.28
N GLN D 71 -15.13 -8.63 -42.49
CA GLN D 71 -16.33 -8.02 -42.98
C GLN D 71 -15.86 -6.77 -43.74
N PRO D 72 -16.40 -6.54 -44.95
CA PRO D 72 -16.06 -5.36 -45.72
C PRO D 72 -15.87 -4.15 -44.83
N GLU D 73 -16.96 -3.66 -44.21
CA GLU D 73 -17.00 -2.49 -43.31
C GLU D 73 -15.85 -2.45 -42.34
N ALA D 74 -15.60 -3.59 -41.68
CA ALA D 74 -14.50 -3.78 -40.74
C ALA D 74 -13.15 -3.48 -41.40
N LEU D 75 -12.82 -4.25 -42.44
CA LEU D 75 -11.59 -4.00 -43.18
C LEU D 75 -11.53 -2.62 -43.85
N ALA D 76 -12.68 -2.14 -44.31
CA ALA D 76 -12.80 -0.84 -44.95
C ALA D 76 -12.32 0.23 -44.01
N PHE D 77 -12.96 0.31 -42.85
CA PHE D 77 -12.57 1.23 -41.78
C PHE D 77 -11.05 1.37 -41.72
N ASN D 78 -10.37 0.23 -41.75
CA ASN D 78 -8.92 0.09 -41.60
C ASN D 78 -8.06 0.44 -42.83
N GLY D 79 -8.60 0.19 -44.02
CA GLY D 79 -7.92 0.37 -45.29
C GLY D 79 -6.73 -0.54 -45.54
N ILE D 80 -6.81 -1.82 -45.18
CA ILE D 80 -5.74 -2.76 -45.54
C ILE D 80 -6.35 -4.07 -46.05
N ASP D 81 -5.70 -4.70 -47.04
CA ASP D 81 -6.17 -5.96 -47.63
C ASP D 81 -5.27 -7.13 -47.25
N PRO D 82 -5.71 -7.95 -46.26
CA PRO D 82 -4.92 -9.00 -45.68
C PRO D 82 -4.51 -10.07 -46.63
N ASN D 83 -5.36 -10.45 -47.56
CA ASN D 83 -5.03 -11.60 -48.41
C ASN D 83 -4.32 -11.22 -49.69
N ASP D 84 -3.82 -9.98 -49.70
CA ASP D 84 -2.90 -9.52 -50.71
C ASP D 84 -1.65 -10.42 -50.75
N PRO D 85 -1.26 -10.88 -51.95
CA PRO D 85 -0.09 -11.75 -52.16
C PRO D 85 1.26 -11.06 -51.92
N ASP D 86 1.37 -9.81 -52.40
CA ASP D 86 2.55 -8.96 -52.23
C ASP D 86 2.85 -8.66 -50.78
N ARG D 87 1.85 -8.86 -49.92
CA ARG D 87 2.09 -8.79 -48.48
C ARG D 87 3.16 -9.83 -48.09
N GLY D 88 3.12 -10.99 -48.74
CA GLY D 88 4.03 -12.09 -48.41
C GLY D 88 3.91 -12.37 -46.91
N ALA D 89 2.69 -12.64 -46.47
CA ALA D 89 2.37 -12.87 -45.05
C ALA D 89 2.84 -14.23 -44.54
N VAL D 90 2.53 -14.52 -43.30
CA VAL D 90 2.94 -15.75 -42.66
C VAL D 90 1.80 -15.99 -41.73
N SER D 91 1.66 -17.21 -41.24
CA SER D 91 0.56 -17.53 -40.34
C SER D 91 0.86 -17.02 -38.93
N GLU D 92 -0.19 -16.77 -38.15
CA GLU D 92 -0.04 -16.49 -36.71
C GLU D 92 1.10 -17.31 -36.10
N TYR D 93 0.96 -18.63 -36.17
CA TYR D 93 1.95 -19.56 -35.63
C TYR D 93 3.35 -19.17 -36.09
N GLU D 94 3.55 -19.22 -37.39
CA GLU D 94 4.88 -19.06 -37.93
C GLU D 94 5.56 -17.85 -37.28
N ALA D 95 4.89 -16.71 -37.29
CA ALA D 95 5.40 -15.44 -36.71
C ALA D 95 5.56 -15.48 -35.21
N LEU D 96 4.49 -15.79 -34.49
CA LEU D 96 4.56 -15.75 -33.04
C LEU D 96 5.65 -16.68 -32.55
N HIS D 97 5.71 -17.87 -33.11
CA HIS D 97 6.65 -18.90 -32.70
C HIS D 97 8.10 -18.46 -32.87
N GLU D 98 8.36 -17.74 -33.96
CA GLU D 98 9.68 -17.18 -34.24
C GLU D 98 10.00 -16.10 -33.21
N ILE D 99 9.06 -15.18 -33.00
CA ILE D 99 9.20 -14.16 -31.96
C ILE D 99 9.50 -14.78 -30.59
N PHE D 100 8.65 -15.69 -30.15
CA PHE D 100 8.89 -16.44 -28.93
C PHE D 100 10.28 -17.11 -28.92
N LYS D 101 10.68 -17.68 -30.05
CA LYS D 101 11.96 -18.37 -30.14
C LYS D 101 13.11 -17.41 -29.83
N VAL D 102 13.13 -16.31 -30.56
CA VAL D 102 14.09 -15.24 -30.38
C VAL D 102 14.06 -14.79 -28.94
N VAL D 103 12.86 -14.50 -28.45
CA VAL D 103 12.67 -14.03 -27.09
C VAL D 103 13.17 -14.99 -26.00
N ARG D 104 12.74 -16.25 -26.04
CA ARG D 104 13.17 -17.24 -25.05
C ARG D 104 14.69 -17.27 -25.01
N LYS D 105 15.29 -17.28 -26.21
CA LYS D 105 16.72 -17.29 -26.38
C LYS D 105 17.37 -16.07 -25.74
N GLY D 106 16.76 -14.91 -25.93
CA GLY D 106 17.23 -13.67 -25.30
C GLY D 106 17.19 -13.71 -23.78
N ILE D 107 16.11 -14.26 -23.24
CA ILE D 107 15.95 -14.44 -21.80
C ILE D 107 17.03 -15.35 -21.24
N LYS D 108 17.28 -16.50 -21.88
CA LYS D 108 18.27 -17.41 -21.34
C LYS D 108 19.64 -16.75 -21.30
N ALA D 109 20.04 -16.09 -22.39
CA ALA D 109 21.32 -15.40 -22.46
C ALA D 109 21.47 -14.34 -21.40
N SER D 110 20.51 -13.42 -21.34
CA SER D 110 20.55 -12.31 -20.38
C SER D 110 20.35 -12.73 -18.92
N GLY D 111 19.89 -13.98 -18.72
CA GLY D 111 19.61 -14.54 -17.40
C GLY D 111 18.41 -13.95 -16.68
N CYS D 112 17.33 -13.65 -17.41
CA CYS D 112 16.07 -13.19 -16.81
C CYS D 112 15.18 -14.38 -16.68
N ASN D 113 13.88 -14.17 -16.50
CA ASN D 113 12.97 -15.29 -16.42
C ASN D 113 11.67 -15.09 -17.13
N ARG D 114 11.18 -13.88 -17.28
CA ARG D 114 10.00 -13.69 -18.12
C ARG D 114 10.19 -12.49 -19.01
N ALA D 115 9.43 -12.46 -20.10
CA ALA D 115 9.37 -11.29 -20.97
C ALA D 115 8.20 -10.43 -20.55
N ILE D 116 8.42 -9.12 -20.57
CA ILE D 116 7.36 -8.17 -20.30
C ILE D 116 7.24 -7.39 -21.57
N MSE D 117 6.01 -7.05 -21.93
CA MSE D 117 5.79 -6.35 -23.18
C MSE D 117 5.80 -4.85 -22.98
O MSE D 117 5.06 -4.32 -22.16
CB MSE D 117 4.48 -6.75 -23.76
CG MSE D 117 4.29 -6.28 -25.15
SE MSE D 117 2.47 -6.60 -25.82
CE MSE D 117 1.80 -4.78 -25.49
N VAL D 118 6.64 -4.17 -23.73
CA VAL D 118 6.63 -2.72 -23.74
C VAL D 118 5.79 -2.35 -24.95
N ALA D 119 5.05 -1.24 -24.86
CA ALA D 119 4.25 -0.70 -25.98
C ALA D 119 3.43 0.49 -25.55
N HIS D 120 3.19 1.45 -26.44
CA HIS D 120 2.32 2.57 -26.12
C HIS D 120 0.89 2.06 -26.12
N ASN D 121 0.10 2.44 -25.11
CA ASN D 121 -1.19 1.78 -24.84
C ASN D 121 -1.10 0.28 -25.05
N ALA D 122 -0.20 -0.27 -24.22
CA ALA D 122 0.26 -1.63 -24.29
C ALA D 122 -0.86 -2.61 -24.20
N ASN D 123 -1.88 -2.31 -23.41
CA ASN D 123 -2.92 -3.29 -23.21
C ASN D 123 -3.67 -3.80 -24.43
N PHE D 124 -3.81 -2.97 -25.46
CA PHE D 124 -4.43 -3.38 -26.71
C PHE D 124 -3.59 -4.45 -27.43
N ASP D 125 -2.34 -4.10 -27.67
CA ASP D 125 -1.42 -4.98 -28.34
C ASP D 125 -1.23 -6.26 -27.57
N HIS D 126 -1.31 -6.16 -26.25
CA HIS D 126 -1.10 -7.33 -25.41
C HIS D 126 -2.21 -8.30 -25.61
N SER D 127 -3.44 -7.83 -25.70
CA SER D 127 -4.58 -8.73 -25.78
C SER D 127 -4.64 -9.48 -27.10
N PHE D 128 -4.36 -8.83 -28.21
CA PHE D 128 -4.35 -9.51 -29.46
C PHE D 128 -3.27 -10.54 -29.49
N MSE D 129 -2.08 -10.12 -29.09
CA MSE D 129 -0.96 -11.01 -29.16
C MSE D 129 -1.12 -12.22 -28.26
O MSE D 129 -0.58 -13.26 -28.53
CB MSE D 129 0.28 -10.25 -28.82
CG MSE D 129 1.50 -10.95 -29.32
SE MSE D 129 2.83 -11.02 -27.86
CE MSE D 129 1.78 -11.70 -26.27
N MSE D 130 -1.87 -12.09 -27.17
CA MSE D 130 -2.17 -13.24 -26.34
C MSE D 130 -3.18 -14.09 -27.05
O MSE D 130 -3.00 -15.29 -27.14
CB MSE D 130 -2.74 -12.82 -25.00
CG MSE D 130 -1.76 -12.09 -24.09
SE MSE D 130 -0.10 -13.06 -23.57
CE MSE D 130 -0.96 -14.30 -22.28
N ALA D 131 -4.22 -13.46 -27.56
CA ALA D 131 -5.29 -14.17 -28.25
C ALA D 131 -4.76 -14.99 -29.39
N ALA D 132 -3.75 -14.48 -30.08
CA ALA D 132 -3.16 -15.13 -31.24
C ALA D 132 -2.37 -16.38 -30.85
N ALA D 133 -1.52 -16.25 -29.83
CA ALA D 133 -0.73 -17.36 -29.34
C ALA D 133 -1.63 -18.48 -28.89
N GLU D 134 -2.71 -18.09 -28.23
CA GLU D 134 -3.79 -18.99 -27.85
C GLU D 134 -4.28 -19.83 -29.01
N ARG D 135 -4.72 -19.17 -30.07
CA ARG D 135 -5.20 -19.83 -31.27
C ARG D 135 -4.11 -20.68 -31.90
N ALA D 136 -2.92 -20.12 -32.08
CA ALA D 136 -1.80 -20.84 -32.70
C ALA D 136 -1.35 -22.02 -31.87
N SER D 137 -1.97 -22.19 -30.71
CA SER D 137 -1.64 -23.28 -29.84
C SER D 137 -0.17 -23.21 -29.37
N LEU D 138 0.34 -21.99 -29.18
CA LEU D 138 1.63 -21.79 -28.52
C LEU D 138 1.47 -21.71 -26.98
N LYS D 139 1.74 -22.82 -26.31
CA LYS D 139 1.66 -22.89 -24.85
C LYS D 139 2.88 -22.33 -24.15
N ARG D 140 4.04 -22.32 -24.79
CA ARG D 140 5.27 -21.92 -24.11
C ARG D 140 5.57 -20.44 -24.27
N ASN D 141 4.59 -19.65 -23.88
CA ASN D 141 4.62 -18.23 -24.12
C ASN D 141 5.43 -17.50 -23.06
N PRO D 142 6.55 -16.90 -23.48
CA PRO D 142 7.46 -16.21 -22.56
C PRO D 142 6.85 -14.97 -21.95
N PHE D 143 5.93 -14.34 -22.65
CA PHE D 143 5.34 -13.11 -22.14
C PHE D 143 4.54 -13.35 -20.88
N HIS D 144 4.61 -12.37 -19.98
CA HIS D 144 3.85 -12.39 -18.76
C HIS D 144 2.38 -12.17 -19.11
N PRO D 145 1.50 -12.93 -18.48
CA PRO D 145 0.15 -12.98 -18.97
C PRO D 145 -0.65 -11.74 -18.68
N PHE D 146 -0.28 -10.98 -17.66
CA PHE D 146 -1.04 -9.76 -17.47
C PHE D 146 -0.25 -8.46 -17.43
N ALA D 147 0.97 -8.50 -16.94
CA ALA D 147 1.74 -7.27 -16.79
C ALA D 147 2.29 -6.74 -18.11
N THR D 148 2.56 -5.44 -18.14
CA THR D 148 2.99 -4.75 -19.35
C THR D 148 3.62 -3.41 -19.00
N PHE D 149 4.68 -2.99 -19.67
CA PHE D 149 5.17 -1.59 -19.53
C PHE D 149 4.53 -0.62 -20.53
N ASP D 150 3.50 0.11 -20.13
CA ASP D 150 2.92 1.06 -21.06
C ASP D 150 3.71 2.38 -21.14
N THR D 151 4.25 2.67 -22.32
CA THR D 151 5.02 3.90 -22.43
C THR D 151 4.14 5.14 -22.47
N ALA D 152 2.82 4.96 -22.50
CA ALA D 152 1.95 6.10 -22.29
C ALA D 152 2.18 6.63 -20.86
N ALA D 153 2.18 5.73 -19.87
CA ALA D 153 2.46 6.09 -18.50
C ALA D 153 3.89 6.58 -18.34
N LEU D 154 4.87 5.74 -18.68
CA LEU D 154 6.27 6.10 -18.49
C LEU D 154 6.59 7.48 -19.05
N ALA D 155 6.12 7.77 -20.26
CA ALA D 155 6.34 9.06 -20.87
C ALA D 155 5.73 10.15 -20.00
N GLY D 156 4.50 9.90 -19.54
CA GLY D 156 3.77 10.84 -18.68
C GLY D 156 4.57 11.22 -17.45
N LEU D 157 5.14 10.23 -16.79
CA LEU D 157 6.03 10.52 -15.69
C LEU D 157 7.26 11.28 -16.18
N ALA D 158 8.01 10.69 -17.12
CA ALA D 158 9.33 11.20 -17.48
C ALA D 158 9.29 12.50 -18.23
N LEU D 159 8.18 12.77 -18.91
CA LEU D 159 8.16 13.88 -19.86
C LEU D 159 6.81 14.61 -19.87
N GLY D 160 5.88 14.19 -19.02
CA GLY D 160 4.55 14.78 -18.98
C GLY D 160 3.88 14.79 -20.33
N GLN D 161 4.10 13.74 -21.11
CA GLN D 161 3.45 13.55 -22.40
C GLN D 161 2.73 12.21 -22.51
N THR D 162 1.50 12.23 -23.02
CA THR D 162 0.72 11.01 -23.25
C THR D 162 1.04 10.42 -24.64
N VAL D 163 0.89 11.26 -25.67
CA VAL D 163 0.89 10.79 -27.05
C VAL D 163 2.28 10.45 -27.52
N LEU D 164 2.39 9.33 -28.23
CA LEU D 164 3.70 8.85 -28.65
C LEU D 164 4.53 9.87 -29.46
N SER D 165 3.88 10.56 -30.40
CA SER D 165 4.54 11.54 -31.26
C SER D 165 5.20 12.65 -30.46
N LYS D 166 4.40 13.32 -29.64
CA LYS D 166 4.86 14.46 -28.86
C LYS D 166 5.87 14.04 -27.80
N ALA D 167 5.74 12.80 -27.31
CA ALA D 167 6.67 12.30 -26.31
C ALA D 167 8.08 12.25 -26.90
N CYS D 168 8.21 11.67 -28.08
CA CYS D 168 9.49 11.62 -28.78
C CYS D 168 10.03 13.01 -29.07
N GLN D 169 9.16 13.90 -29.53
CA GLN D 169 9.55 15.28 -29.72
C GLN D 169 10.21 15.76 -28.45
N THR D 170 9.47 15.83 -27.35
CA THR D 170 10.01 16.39 -26.11
C THR D 170 11.25 15.64 -25.66
N ALA D 171 11.32 14.35 -25.96
CA ALA D 171 12.47 13.56 -25.57
C ALA D 171 13.74 13.93 -26.34
N GLY D 172 13.58 14.70 -27.42
CA GLY D 172 14.70 15.16 -28.24
C GLY D 172 15.05 14.26 -29.41
N MSE D 173 14.04 13.73 -30.09
CA MSE D 173 14.24 12.76 -31.19
C MSE D 173 13.18 12.93 -32.29
O MSE D 173 12.19 13.62 -32.07
CB MSE D 173 14.20 11.34 -30.67
CG MSE D 173 12.84 10.91 -30.13
SE MSE D 173 12.77 9.24 -29.08
CE MSE D 173 14.46 9.43 -28.06
N ASP D 174 13.37 12.31 -33.44
CA ASP D 174 12.49 12.55 -34.61
C ASP D 174 11.21 11.76 -34.59
N PHE D 175 10.17 12.30 -35.21
CA PHE D 175 8.93 11.55 -35.42
C PHE D 175 8.23 11.95 -36.71
N ASP D 176 8.09 10.99 -37.60
CA ASP D 176 7.47 11.22 -38.89
C ASP D 176 6.01 10.80 -38.84
N SER D 177 5.13 11.80 -38.90
CA SER D 177 3.67 11.56 -38.92
C SER D 177 3.19 10.80 -40.16
N THR D 178 3.77 11.11 -41.33
CA THR D 178 3.41 10.45 -42.61
C THR D 178 3.31 8.92 -42.56
N GLN D 179 4.28 8.28 -41.90
CA GLN D 179 4.24 6.82 -41.65
C GLN D 179 3.41 6.52 -40.41
N ALA D 180 4.04 6.55 -39.23
CA ALA D 180 3.36 6.57 -37.91
C ALA D 180 2.28 5.49 -37.61
N HIS D 181 1.87 4.74 -38.64
CA HIS D 181 0.85 3.70 -38.49
C HIS D 181 1.45 2.34 -38.80
N SER D 182 2.62 2.33 -39.47
CA SER D 182 3.36 1.10 -39.70
C SER D 182 3.93 0.59 -38.38
N ALA D 183 3.52 -0.62 -38.00
CA ALA D 183 3.99 -1.26 -36.78
C ALA D 183 5.51 -1.14 -36.68
N LEU D 184 6.17 -1.36 -37.80
CA LEU D 184 7.62 -1.34 -37.88
C LEU D 184 8.22 0.00 -37.45
N TYR D 185 7.59 1.10 -37.85
CA TYR D 185 8.05 2.43 -37.44
C TYR D 185 7.75 2.69 -35.96
N ASP D 186 6.49 2.45 -35.57
CA ASP D 186 6.03 2.66 -34.19
C ASP D 186 6.94 1.92 -33.22
N THR D 187 7.02 0.61 -33.39
CA THR D 187 7.84 -0.23 -32.56
C THR D 187 9.25 0.33 -32.36
N GLU D 188 9.92 0.67 -33.44
CA GLU D 188 11.28 1.16 -33.30
C GLU D 188 11.32 2.48 -32.53
N ARG D 189 10.40 3.37 -32.81
CA ARG D 189 10.35 4.65 -32.08
C ARG D 189 10.07 4.43 -30.60
N THR D 190 9.09 3.56 -30.33
CA THR D 190 8.76 3.20 -28.97
C THR D 190 9.97 2.64 -28.25
N ALA D 191 10.69 1.71 -28.86
CA ALA D 191 11.90 1.14 -28.27
C ALA D 191 12.97 2.21 -27.94
N VAL D 192 13.25 3.09 -28.89
CA VAL D 192 14.19 4.17 -28.61
C VAL D 192 13.71 5.05 -27.44
N LEU D 193 12.48 5.56 -27.56
CA LEU D 193 11.83 6.30 -26.50
C LEU D 193 12.00 5.60 -25.15
N PHE D 194 11.64 4.32 -25.11
CA PHE D 194 11.76 3.54 -23.88
C PHE D 194 13.19 3.58 -23.41
N CYS D 195 14.10 3.11 -24.26
CA CYS D 195 15.52 3.22 -23.94
C CYS D 195 15.91 4.56 -23.39
N GLU D 196 15.50 5.62 -24.06
CA GLU D 196 15.81 6.98 -23.64
C GLU D 196 15.32 7.27 -22.21
N ILE D 197 14.07 6.93 -21.93
CA ILE D 197 13.48 7.17 -20.60
C ILE D 197 14.26 6.44 -19.51
N VAL D 198 14.46 5.13 -19.71
CA VAL D 198 15.19 4.29 -18.77
C VAL D 198 16.60 4.81 -18.51
N ASN D 199 17.26 5.28 -19.57
CA ASN D 199 18.64 5.77 -19.53
C ASN D 199 18.77 7.15 -18.87
N ARG D 200 17.88 8.06 -19.26
CA ARG D 200 17.77 9.42 -18.70
C ARG D 200 17.64 9.39 -17.20
N TRP D 201 16.87 8.42 -16.71
CA TRP D 201 16.77 8.11 -15.30
C TRP D 201 18.14 7.79 -14.70
N LYS D 202 18.90 6.92 -15.36
CA LYS D 202 20.19 6.49 -14.84
C LYS D 202 21.10 7.70 -14.82
N ARG D 203 21.04 8.48 -15.89
CA ARG D 203 21.83 9.70 -15.98
C ARG D 203 21.60 10.58 -14.77
N LEU D 204 20.35 10.80 -14.38
CA LEU D 204 20.08 11.71 -13.28
C LEU D 204 20.24 11.06 -11.91
N GLY D 205 21.00 9.97 -11.85
CA GLY D 205 21.24 9.26 -10.59
C GLY D 205 19.98 8.63 -10.02
N GLY D 206 19.16 8.07 -10.90
CA GLY D 206 17.91 7.49 -10.47
C GLY D 206 18.17 6.06 -10.09
N TRP D 207 18.88 5.36 -10.96
CA TRP D 207 19.23 3.98 -10.74
C TRP D 207 20.74 3.94 -10.68
N PRO D 208 21.33 3.08 -9.83
CA PRO D 208 20.71 2.19 -8.85
C PRO D 208 20.18 2.98 -7.66
N LEU D 209 19.83 2.27 -6.59
CA LEU D 209 19.28 2.92 -5.41
C LEU D 209 20.23 2.73 -4.22
S SO4 E . -13.96 16.83 4.38
O1 SO4 E . -14.86 16.13 3.45
O2 SO4 E . -13.23 15.85 5.20
O3 SO4 E . -13.03 17.64 3.59
O4 SO4 E . -14.69 17.70 5.31
S SO4 F . 1.60 14.81 37.47
O1 SO4 F . 0.74 15.89 37.93
O2 SO4 F . 0.92 13.53 37.67
O3 SO4 F . 1.84 14.97 36.04
O4 SO4 F . 2.87 14.83 38.21
S SO4 G . 6.77 22.57 16.61
O1 SO4 G . 5.59 22.07 17.33
O2 SO4 G . 6.95 21.88 15.33
O3 SO4 G . 6.58 24.00 16.38
O4 SO4 G . 7.99 22.35 17.41
S SO4 H . 23.60 -6.24 11.20
O1 SO4 H . 24.89 -5.66 11.57
O2 SO4 H . 23.57 -6.56 9.75
O3 SO4 H . 23.38 -7.41 12.05
O4 SO4 H . 22.56 -5.24 11.44
S SO4 I . 3.83 -28.56 25.57
O1 SO4 I . 2.70 -28.43 26.49
O2 SO4 I . 4.91 -27.72 26.08
O3 SO4 I . 4.24 -29.96 25.50
O4 SO4 I . 3.46 -28.06 24.24
S SO4 J . -2.04 -27.55 22.00
O1 SO4 J . -3.20 -27.75 21.16
O2 SO4 J . -0.84 -27.44 21.17
O3 SO4 J . -2.13 -26.32 22.79
O4 SO4 J . -1.93 -28.72 22.89
S SO4 K . 16.92 -15.38 30.72
O1 SO4 K . 16.51 -14.25 31.56
O2 SO4 K . 15.75 -16.20 30.38
O3 SO4 K . 17.52 -14.87 29.50
O4 SO4 K . 17.86 -16.24 31.44
S SO4 L . 4.47 4.98 5.55
O1 SO4 L . 5.61 5.73 5.05
O2 SO4 L . 4.72 4.60 6.95
O3 SO4 L . 3.26 5.80 5.41
O4 SO4 L . 4.33 3.72 4.79
S SO4 M . -24.51 12.14 -14.26
O1 SO4 M . -24.00 12.06 -12.89
O2 SO4 M . -25.60 11.19 -14.43
O3 SO4 M . -24.99 13.51 -14.50
O4 SO4 M . -23.43 11.83 -15.18
S SO4 N . -3.14 22.04 -7.67
O1 SO4 N . -4.12 21.12 -7.08
O2 SO4 N . -1.78 21.67 -7.27
O3 SO4 N . -3.18 22.04 -9.13
O4 SO4 N . -3.44 23.39 -7.20
S SO4 O . 22.53 -7.99 -21.03
O1 SO4 O . 22.29 -7.95 -19.59
O2 SO4 O . 23.96 -7.90 -21.27
O3 SO4 O . 22.07 -9.30 -21.51
O4 SO4 O . 21.87 -6.87 -21.72
S SO4 P . 4.51 -11.65 -10.80
O1 SO4 P . 3.05 -11.67 -10.72
O2 SO4 P . 5.12 -12.07 -9.54
O3 SO4 P . 4.93 -12.59 -11.82
O4 SO4 P . 4.98 -10.28 -11.13
S SO4 Q . 16.65 9.79 -33.17
O1 SO4 Q . 17.15 9.62 -34.54
O2 SO4 Q . 16.66 8.47 -32.54
O3 SO4 Q . 17.55 10.69 -32.45
O4 SO4 Q . 15.29 10.35 -33.25
#